data_4BX9
#
_entry.id   4BX9
#
_cell.length_a   128.410
_cell.length_b   128.410
_cell.length_c   263.360
_cell.angle_alpha   90.00
_cell.angle_beta   90.00
_cell.angle_gamma   90.00
#
_symmetry.space_group_name_H-M   'P 43 21 2'
#
loop_
_entity.id
_entity.type
_entity.pdbx_description
1 polymer 'VACUOLAR PROTEIN SORTING-ASSOCIATED PROTEIN 33A'
2 polymer 'VACUOLAR PROTEIN SORTING-ASSOCIATED PROTEIN 16 HOMOLOG'
3 non-polymer 'FORMIC ACID'
4 non-polymer '(2S)-2-hydroxybutanedioic acid'
5 non-polymer 'MALONIC ACID'
6 water water
#
loop_
_entity_poly.entity_id
_entity_poly.type
_entity_poly.pdbx_seq_one_letter_code
_entity_poly.pdbx_strand_id
1 'polypeptide(L)'
;MAAHLSYGRVNLNVLREAVRRELREFLDKCAGSKAIVWDEYLTGPFGLIAQYSLLKEHEVEKMFTLKGNRLPAADVKNII
FFVRPRLELMDIIAENVLSEDRRGPTRDFHILFVPRRSLLCEQRLKDLGVLGSFIHREEYSLDLIPFDGDLLSMESEGAF
KECYLEGDQTSLYHAAKGLMTLQALYGTIPQIFGKGECARQVANMMIRMKREFTGSQNSIFPVFDNLLLLDRNVDLLTPL
ATQLTYEGLIDEIYGIQNSYVKLPPEKFAPKKQGDGGKDLPTEAKKLQLNSAEELYAEIRDKNFNAVGSVLSKKAKIISA
AFEERHNAKTVGEIKQFVSQLPHMQAARGSLANHTSIAELIKDVTTSEDFFDKLTVEQEFMSGIDTDKVNNYIEDCIAQK
HSLIKVLRLVCLQSVCNSGLKQKVLDYYKREILQTYGYEHILTLHNLEKAGLLKPQTGGRNNYPTIRKTLRLWMDDVNEQ
NPTDISYVYSGYAPLSVRLAQLLSRPGWRSIEEVLRILPGPHFEERQPLPTGLQKKRQPGENRVTLIFFLGGVTFAEIAA
LRFLSQLEDGGTEYVIATTKLMNGTSWIEALMEKPFHHHHHHHHHH
;
A,B
2 'polypeptide(L)'
;GPHMERIEGRVAALQTAADAFYKAKNEFAAKATEDQMRLLRLQRRLEDELGGQFLDLSLHDTVTTLILGGHNKRAEQLAR
DFRIPDKRLWWLKLTALAD
;
C
#
# COMPACT_ATOMS: atom_id res chain seq x y z
N ALA A 2 -0.62 35.55 -18.63
CA ALA A 2 -1.92 35.82 -17.92
C ALA A 2 -1.71 37.02 -17.01
N ALA A 3 -2.24 38.15 -17.41
CA ALA A 3 -2.02 39.37 -16.69
C ALA A 3 -2.38 39.22 -15.24
N HIS A 4 -3.46 38.53 -14.92
CA HIS A 4 -3.84 38.50 -13.54
C HIS A 4 -2.83 37.85 -12.60
N LEU A 5 -1.93 37.04 -13.15
CA LEU A 5 -0.84 36.39 -12.33
C LEU A 5 0.18 37.40 -11.91
N SER A 6 0.06 38.59 -12.47
CA SER A 6 0.99 39.64 -12.15
C SER A 6 0.35 40.86 -11.50
N TYR A 7 -0.81 40.76 -10.91
CA TYR A 7 -1.47 41.99 -10.41
C TYR A 7 -0.96 42.39 -9.06
N GLY A 8 -0.42 41.43 -8.33
CA GLY A 8 0.02 41.68 -6.99
C GLY A 8 1.49 41.85 -6.90
N ARG A 9 2.01 41.37 -5.78
CA ARG A 9 3.40 41.57 -5.39
C ARG A 9 4.43 40.71 -6.11
N VAL A 10 4.08 39.46 -6.42
CA VAL A 10 5.00 38.55 -7.01
C VAL A 10 4.48 38.24 -8.40
N ASN A 11 5.36 38.29 -9.39
CA ASN A 11 4.95 37.94 -10.71
C ASN A 11 4.91 36.41 -10.93
N LEU A 12 3.73 35.80 -10.70
CA LEU A 12 3.62 34.38 -10.90
C LEU A 12 3.60 33.92 -12.36
N ASN A 13 3.61 34.82 -13.34
CA ASN A 13 3.95 34.37 -14.69
C ASN A 13 5.40 33.81 -14.86
N VAL A 14 6.32 34.16 -13.98
CA VAL A 14 7.65 33.67 -14.15
C VAL A 14 7.62 32.19 -13.93
N LEU A 15 6.96 31.81 -12.86
CA LEU A 15 6.73 30.41 -12.56
C LEU A 15 5.92 29.70 -13.64
N ARG A 16 4.71 30.19 -13.95
CA ARG A 16 3.89 29.55 -14.98
C ARG A 16 4.69 29.46 -16.28
N GLU A 17 5.41 30.50 -16.63
CA GLU A 17 6.09 30.41 -17.92
C GLU A 17 7.29 29.44 -17.87
N ALA A 18 7.90 29.24 -16.73
CA ALA A 18 9.01 28.30 -16.68
C ALA A 18 8.52 26.88 -16.91
N VAL A 19 7.45 26.48 -16.23
CA VAL A 19 6.94 25.14 -16.40
C VAL A 19 6.28 24.95 -17.76
N ARG A 20 5.77 25.99 -18.39
CA ARG A 20 5.31 25.87 -19.80
C ARG A 20 6.49 25.64 -20.74
N ARG A 21 7.58 26.36 -20.54
CA ARG A 21 8.80 26.19 -21.35
C ARG A 21 9.26 24.71 -21.22
N GLU A 22 9.22 24.14 -20.00
CA GLU A 22 9.71 22.80 -19.85
C GLU A 22 8.87 21.84 -20.65
N LEU A 23 7.57 22.01 -20.60
CA LEU A 23 6.72 21.11 -21.29
C LEU A 23 6.99 21.19 -22.79
N ARG A 24 7.22 22.38 -23.28
CA ARG A 24 7.44 22.60 -24.68
C ARG A 24 8.66 21.90 -25.14
N GLU A 25 9.72 22.01 -24.35
CA GLU A 25 11.01 21.43 -24.65
C GLU A 25 10.83 19.94 -24.68
N PHE A 26 10.04 19.38 -23.77
CA PHE A 26 9.84 17.94 -23.78
C PHE A 26 9.09 17.46 -25.02
N LEU A 27 8.04 18.15 -25.38
CA LEU A 27 7.31 17.76 -26.56
C LEU A 27 8.16 17.89 -27.83
N ASP A 28 8.99 18.89 -27.90
CA ASP A 28 9.86 19.06 -29.05
C ASP A 28 10.91 17.94 -29.20
N LYS A 29 11.28 17.24 -28.14
CA LYS A 29 12.21 16.12 -28.31
C LYS A 29 11.50 14.93 -28.96
N CYS A 30 10.23 14.77 -28.69
CA CYS A 30 9.46 13.72 -29.26
C CYS A 30 8.94 14.16 -30.65
N ALA A 31 9.84 14.27 -31.62
CA ALA A 31 9.56 14.89 -32.95
C ALA A 31 8.49 14.17 -33.78
N GLY A 32 7.62 14.97 -34.41
CA GLY A 32 6.49 14.47 -35.18
C GLY A 32 5.13 14.51 -34.45
N SER A 33 4.11 14.03 -35.14
CA SER A 33 2.75 14.02 -34.68
C SER A 33 2.63 13.10 -33.42
N LYS A 34 1.79 13.50 -32.47
CA LYS A 34 1.70 12.83 -31.19
C LYS A 34 0.26 12.56 -30.76
N ALA A 35 0.11 11.52 -29.96
CA ALA A 35 -1.02 11.41 -29.09
C ALA A 35 -0.48 11.36 -27.68
N ILE A 36 -1.16 12.04 -26.78
CA ILE A 36 -0.90 11.93 -25.37
C ILE A 36 -1.95 11.02 -24.75
N VAL A 37 -1.49 10.00 -23.99
CA VAL A 37 -2.36 9.16 -23.18
C VAL A 37 -2.24 9.58 -21.72
N TRP A 38 -3.34 10.04 -21.14
CA TRP A 38 -3.35 10.71 -19.83
C TRP A 38 -3.82 9.83 -18.70
N ASP A 39 -3.07 9.82 -17.59
CA ASP A 39 -3.59 9.37 -16.26
C ASP A 39 -4.65 10.42 -15.92
N GLU A 40 -5.91 10.03 -15.95
CA GLU A 40 -7.04 10.95 -15.77
C GLU A 40 -6.95 11.94 -14.61
N TYR A 41 -6.33 11.52 -13.53
CA TYR A 41 -6.11 12.36 -12.37
C TYR A 41 -5.33 13.62 -12.67
N LEU A 42 -4.47 13.59 -13.66
CA LEU A 42 -3.66 14.75 -13.98
C LEU A 42 -4.33 15.88 -14.83
N THR A 43 -5.43 15.59 -15.53
CA THR A 43 -5.91 16.53 -16.57
C THR A 43 -6.42 17.87 -16.02
N GLY A 44 -7.18 17.83 -14.93
CA GLY A 44 -7.78 19.02 -14.33
C GLY A 44 -6.74 20.09 -13.96
N PRO A 45 -5.85 19.76 -13.02
CA PRO A 45 -4.84 20.73 -12.59
C PRO A 45 -3.89 21.13 -13.70
N PHE A 46 -3.58 20.22 -14.61
CA PHE A 46 -2.71 20.58 -15.76
C PHE A 46 -3.34 21.68 -16.57
N GLY A 47 -4.69 21.71 -16.57
CA GLY A 47 -5.43 22.75 -17.24
C GLY A 47 -5.09 24.18 -16.86
N LEU A 48 -4.53 24.39 -15.69
CA LEU A 48 -4.07 25.73 -15.29
C LEU A 48 -2.73 26.14 -15.87
N ILE A 49 -2.01 25.16 -16.41
CA ILE A 49 -0.72 25.36 -16.96
C ILE A 49 -0.78 25.39 -18.46
N ALA A 50 -1.50 24.44 -19.05
CA ALA A 50 -1.66 24.37 -20.50
C ALA A 50 -2.89 23.62 -20.99
N GLN A 51 -3.66 24.32 -21.80
CA GLN A 51 -4.84 23.79 -22.48
C GLN A 51 -4.45 23.10 -23.80
N TYR A 52 -5.43 22.46 -24.44
CA TYR A 52 -5.21 21.83 -25.68
C TYR A 52 -4.60 22.78 -26.73
N SER A 53 -4.95 24.06 -26.68
CA SER A 53 -4.43 24.99 -27.68
C SER A 53 -2.92 25.06 -27.72
N LEU A 54 -2.24 24.93 -26.60
CA LEU A 54 -0.77 24.96 -26.64
C LEU A 54 -0.27 23.63 -27.21
N LEU A 55 -0.83 22.53 -26.70
CA LEU A 55 -0.42 21.23 -27.11
C LEU A 55 -0.53 21.05 -28.64
N LYS A 56 -1.57 21.63 -29.22
CA LYS A 56 -1.79 21.55 -30.64
C LYS A 56 -0.70 22.13 -31.47
N GLU A 57 -0.07 23.16 -30.97
CA GLU A 57 0.99 23.78 -31.71
C GLU A 57 2.27 22.97 -31.64
N HIS A 58 2.25 21.89 -30.84
CA HIS A 58 3.37 20.93 -30.80
C HIS A 58 2.95 19.58 -31.39
N GLU A 59 2.05 19.64 -32.35
CA GLU A 59 1.56 18.50 -33.15
C GLU A 59 0.91 17.36 -32.33
N VAL A 60 0.34 17.71 -31.19
CA VAL A 60 -0.51 16.78 -30.50
C VAL A 60 -1.87 16.73 -31.24
N GLU A 61 -2.11 15.61 -31.89
CA GLU A 61 -3.27 15.46 -32.70
C GLU A 61 -4.39 14.75 -31.97
N LYS A 62 -4.09 13.99 -30.94
CA LYS A 62 -5.09 13.20 -30.25
C LYS A 62 -4.73 13.18 -28.77
N MET A 63 -5.74 13.00 -27.93
CA MET A 63 -5.63 12.86 -26.48
C MET A 63 -6.54 11.74 -25.97
N PHE A 64 -5.97 10.78 -25.23
CA PHE A 64 -6.76 9.70 -24.77
C PHE A 64 -6.57 9.56 -23.29
N THR A 65 -7.39 8.73 -22.71
CA THR A 65 -7.32 8.36 -21.33
C THR A 65 -6.65 6.97 -21.21
N LEU A 66 -5.76 6.83 -20.22
CA LEU A 66 -5.10 5.57 -19.90
C LEU A 66 -6.08 4.53 -19.41
N LYS A 67 -6.19 3.43 -20.16
CA LYS A 67 -6.99 2.25 -19.80
C LYS A 67 -6.29 1.01 -20.39
N GLY A 68 -6.86 -0.15 -20.05
CA GLY A 68 -6.26 -1.41 -20.42
C GLY A 68 -6.34 -1.75 -21.87
N ASN A 69 -5.82 -2.94 -22.19
CA ASN A 69 -5.96 -3.52 -23.53
C ASN A 69 -5.28 -2.66 -24.59
N ARG A 70 -5.81 -2.67 -25.80
CA ARG A 70 -5.13 -2.09 -26.93
C ARG A 70 -5.31 -0.59 -26.90
N LEU A 71 -4.33 0.15 -27.38
CA LEU A 71 -4.51 1.59 -27.62
C LEU A 71 -5.40 1.83 -28.80
N PRO A 72 -6.04 2.99 -28.82
CA PRO A 72 -6.94 3.22 -29.98
C PRO A 72 -6.13 3.46 -31.22
N ALA A 73 -6.71 3.16 -32.37
CA ALA A 73 -6.00 3.40 -33.63
C ALA A 73 -5.87 4.91 -33.84
N ALA A 74 -4.70 5.32 -34.28
CA ALA A 74 -4.47 6.73 -34.59
C ALA A 74 -3.18 6.80 -35.38
N ASP A 75 -3.24 7.48 -36.52
CA ASP A 75 -2.09 7.56 -37.41
C ASP A 75 -1.20 8.71 -36.92
N VAL A 76 -0.41 8.43 -35.87
CA VAL A 76 0.55 9.40 -35.32
C VAL A 76 1.92 8.74 -35.16
N LYS A 77 2.96 9.56 -35.17
CA LYS A 77 4.30 9.05 -35.03
C LYS A 77 4.65 8.58 -33.59
N ASN A 78 4.20 9.37 -32.62
CA ASN A 78 4.55 9.22 -31.20
C ASN A 78 3.34 9.05 -30.27
N ILE A 79 3.40 8.09 -29.36
CA ILE A 79 2.45 7.99 -28.24
C ILE A 79 3.22 8.34 -26.98
N ILE A 80 2.71 9.29 -26.21
CA ILE A 80 3.39 9.77 -24.96
C ILE A 80 2.50 9.58 -23.77
N PHE A 81 2.95 8.83 -22.76
CA PHE A 81 2.13 8.61 -21.57
C PHE A 81 2.42 9.74 -20.61
N PHE A 82 1.38 10.46 -20.13
CA PHE A 82 1.55 11.40 -19.01
C PHE A 82 0.96 10.75 -17.78
N VAL A 83 1.77 10.47 -16.78
CA VAL A 83 1.34 9.53 -15.77
C VAL A 83 2.03 9.78 -14.40
N ARG A 84 1.31 9.56 -13.31
CA ARG A 84 1.87 9.62 -11.95
C ARG A 84 2.75 8.33 -11.76
N PRO A 85 3.73 8.36 -10.85
CA PRO A 85 4.59 7.24 -10.54
C PRO A 85 3.82 6.32 -9.63
N ARG A 86 2.87 5.59 -10.20
CA ARG A 86 2.12 4.61 -9.44
C ARG A 86 2.32 3.23 -10.02
N LEU A 87 2.57 2.28 -9.15
CA LEU A 87 2.89 0.95 -9.57
C LEU A 87 1.80 0.36 -10.44
N GLU A 88 0.55 0.48 -10.00
CA GLU A 88 -0.56 -0.15 -10.73
C GLU A 88 -0.69 0.40 -12.18
N LEU A 89 -0.42 1.69 -12.39
CA LEU A 89 -0.51 2.28 -13.70
C LEU A 89 0.59 1.71 -14.62
N MET A 90 1.69 1.22 -14.04
CA MET A 90 2.76 0.68 -14.90
C MET A 90 2.29 -0.58 -15.64
N ASP A 91 1.48 -1.38 -14.98
CA ASP A 91 0.93 -2.59 -15.61
C ASP A 91 0.03 -2.28 -16.81
N ILE A 92 -0.74 -1.19 -16.71
CA ILE A 92 -1.62 -0.76 -17.80
C ILE A 92 -0.83 -0.26 -18.96
N ILE A 93 0.15 0.57 -18.71
CA ILE A 93 1.03 1.01 -19.81
C ILE A 93 1.72 -0.19 -20.52
N ALA A 94 2.18 -1.16 -19.75
CA ALA A 94 2.80 -2.32 -20.35
C ALA A 94 1.86 -3.07 -21.28
N GLU A 95 0.66 -3.29 -20.81
CA GLU A 95 -0.37 -3.87 -21.63
C GLU A 95 -0.62 -3.06 -22.91
N ASN A 96 -0.62 -1.72 -22.83
CA ASN A 96 -0.80 -0.90 -24.02
C ASN A 96 0.31 -1.16 -25.02
N VAL A 97 1.53 -1.20 -24.50
CA VAL A 97 2.70 -1.26 -25.36
C VAL A 97 2.80 -2.62 -26.04
N LEU A 98 2.66 -3.69 -25.27
CA LEU A 98 2.69 -5.07 -25.76
C LEU A 98 1.51 -5.46 -26.67
N SER A 99 0.42 -4.70 -26.65
CA SER A 99 -0.73 -4.98 -27.48
C SER A 99 -0.67 -4.25 -28.82
N GLU A 100 0.38 -3.49 -29.14
CA GLU A 100 0.43 -2.83 -30.42
C GLU A 100 0.43 -3.89 -31.51
N ASP A 101 -0.37 -3.63 -32.52
CA ASP A 101 -0.29 -4.28 -33.80
C ASP A 101 1.13 -4.13 -34.36
N ARG A 102 1.83 -5.22 -34.56
CA ARG A 102 3.22 -5.15 -34.97
C ARG A 102 3.38 -4.72 -36.44
N ARG A 103 2.47 -5.16 -37.29
CA ARG A 103 2.64 -5.02 -38.72
C ARG A 103 2.45 -3.58 -39.08
N GLY A 104 3.13 -3.10 -40.11
CA GLY A 104 3.01 -1.69 -40.53
C GLY A 104 3.81 -0.71 -39.67
N PRO A 105 3.86 0.57 -40.08
CA PRO A 105 4.69 1.53 -39.34
C PRO A 105 4.39 1.56 -37.88
N THR A 106 5.43 1.67 -37.09
CA THR A 106 5.28 1.62 -35.68
C THR A 106 5.17 2.98 -35.13
N ARG A 107 4.77 3.01 -33.87
CA ARG A 107 4.60 4.22 -33.14
C ARG A 107 5.60 4.21 -32.01
N ASP A 108 6.39 5.27 -31.91
CA ASP A 108 7.39 5.38 -30.91
C ASP A 108 6.73 5.78 -29.61
N PHE A 109 7.21 5.20 -28.52
CA PHE A 109 6.67 5.41 -27.18
C PHE A 109 7.57 6.29 -26.32
N HIS A 110 6.93 7.10 -25.48
CA HIS A 110 7.66 7.91 -24.51
C HIS A 110 6.83 8.06 -23.25
N ILE A 111 7.47 8.47 -22.17
CA ILE A 111 6.79 8.60 -20.90
C ILE A 111 7.32 9.77 -20.09
N LEU A 112 6.37 10.53 -19.55
CA LEU A 112 6.60 11.68 -18.72
C LEU A 112 5.93 11.41 -17.38
N PHE A 113 6.75 11.28 -16.35
CA PHE A 113 6.29 11.02 -15.01
C PHE A 113 6.02 12.36 -14.31
N VAL A 114 4.86 12.45 -13.67
CA VAL A 114 4.40 13.69 -13.04
C VAL A 114 3.85 13.36 -11.64
N PRO A 115 4.49 13.86 -10.61
CA PRO A 115 5.43 14.90 -10.51
C PRO A 115 6.85 14.44 -10.38
N ARG A 116 7.10 13.12 -10.43
CA ARG A 116 8.48 12.60 -10.22
C ARG A 116 8.65 11.28 -10.88
N ARG A 117 9.83 10.98 -11.41
CA ARG A 117 10.08 9.61 -11.85
C ARG A 117 10.60 8.71 -10.73
N SER A 118 10.26 7.42 -10.79
CA SER A 118 10.42 6.54 -9.67
C SER A 118 11.27 5.39 -10.12
N LEU A 119 12.37 5.10 -9.43
CA LEU A 119 13.23 3.97 -9.79
C LEU A 119 12.44 2.67 -9.78
N LEU A 120 11.60 2.55 -8.78
CA LEU A 120 10.77 1.42 -8.61
C LEU A 120 9.80 1.19 -9.80
N CYS A 121 9.12 2.25 -10.27
CA CYS A 121 8.21 2.12 -11.42
C CYS A 121 8.94 1.70 -12.69
N GLU A 122 10.13 2.24 -12.86
CA GLU A 122 10.96 1.85 -14.00
C GLU A 122 11.35 0.37 -13.90
N GLN A 123 11.63 -0.08 -12.67
CA GLN A 123 12.00 -1.49 -12.46
C GLN A 123 10.82 -2.38 -12.87
N ARG A 124 9.60 -1.90 -12.59
CA ARG A 124 8.44 -2.66 -12.87
C ARG A 124 8.25 -2.72 -14.36
N LEU A 125 8.41 -1.60 -15.02
CA LEU A 125 8.32 -1.60 -16.47
C LEU A 125 9.43 -2.49 -17.09
N LYS A 126 10.59 -2.58 -16.49
CA LYS A 126 11.59 -3.50 -16.98
C LYS A 126 11.20 -4.97 -16.85
N ASP A 127 10.71 -5.37 -15.69
CA ASP A 127 10.24 -6.71 -15.46
C ASP A 127 9.07 -7.11 -16.33
N LEU A 128 8.16 -6.19 -16.62
CA LEU A 128 7.07 -6.49 -17.50
C LEU A 128 7.49 -6.61 -18.94
N GLY A 129 8.73 -6.23 -19.22
CA GLY A 129 9.33 -6.43 -20.55
C GLY A 129 9.20 -5.27 -21.52
N VAL A 130 8.90 -4.05 -21.05
CA VAL A 130 8.76 -2.95 -21.96
C VAL A 130 9.60 -1.76 -21.72
N LEU A 131 10.51 -1.73 -20.73
CA LEU A 131 11.27 -0.48 -20.52
C LEU A 131 12.06 0.00 -21.74
N GLY A 132 12.60 -0.93 -22.51
CA GLY A 132 13.38 -0.58 -23.66
C GLY A 132 12.58 -0.07 -24.86
N SER A 133 11.24 -0.08 -24.82
CA SER A 133 10.40 0.47 -25.88
C SER A 133 10.21 1.99 -25.78
N PHE A 134 10.60 2.59 -24.66
CA PHE A 134 10.52 4.04 -24.49
C PHE A 134 11.76 4.75 -24.95
N ILE A 135 11.64 5.60 -25.96
CA ILE A 135 12.72 6.47 -26.37
C ILE A 135 13.05 7.56 -25.33
N HIS A 136 12.07 8.31 -24.81
CA HIS A 136 12.32 9.29 -23.74
C HIS A 136 11.57 8.95 -22.48
N ARG A 137 12.25 9.09 -21.36
CA ARG A 137 11.68 8.91 -20.05
C ARG A 137 12.06 10.10 -19.21
N GLU A 138 11.13 10.98 -18.89
CA GLU A 138 11.51 12.12 -18.10
C GLU A 138 10.53 12.41 -17.03
N GLU A 139 10.89 13.34 -16.15
CA GLU A 139 9.94 13.82 -15.16
C GLU A 139 9.58 15.29 -15.41
N TYR A 140 8.39 15.69 -15.02
CA TYR A 140 7.91 17.05 -15.07
C TYR A 140 7.38 17.38 -13.66
N SER A 141 8.14 18.19 -12.91
CA SER A 141 7.87 18.41 -11.46
C SER A 141 6.99 19.62 -11.21
N LEU A 142 5.77 19.43 -11.65
CA LEU A 142 4.66 20.29 -11.33
C LEU A 142 4.19 20.04 -9.89
N ASP A 143 4.62 20.90 -8.94
CA ASP A 143 4.24 20.87 -7.56
C ASP A 143 3.27 21.99 -7.19
N LEU A 144 3.69 23.26 -7.15
CA LEU A 144 2.82 24.37 -6.84
C LEU A 144 2.32 24.98 -8.13
N ILE A 145 1.02 24.94 -8.33
CA ILE A 145 0.35 25.48 -9.50
C ILE A 145 -0.27 26.82 -9.12
N PRO A 146 -0.06 27.86 -9.93
CA PRO A 146 -0.64 29.17 -9.68
C PRO A 146 -2.07 29.19 -10.14
N PHE A 147 -2.94 29.56 -9.21
CA PHE A 147 -4.35 29.66 -9.44
C PHE A 147 -4.75 31.14 -9.63
N ASP A 148 -4.02 32.05 -8.99
CA ASP A 148 -4.29 33.49 -9.14
C ASP A 148 -3.06 34.26 -8.73
N GLY A 149 -3.14 35.58 -8.78
CA GLY A 149 -1.98 36.41 -8.52
C GLY A 149 -1.39 36.30 -7.13
N ASP A 150 -2.17 35.77 -6.19
CA ASP A 150 -1.63 35.61 -4.85
C ASP A 150 -1.89 34.19 -4.31
N LEU A 151 -2.00 33.18 -5.20
CA LEU A 151 -2.50 31.91 -4.74
C LEU A 151 -1.88 30.77 -5.50
N LEU A 152 -1.31 29.82 -4.75
CA LEU A 152 -0.70 28.59 -5.31
C LEU A 152 -1.24 27.34 -4.59
N SER A 153 -1.53 26.29 -5.34
CA SER A 153 -1.94 25.01 -4.76
C SER A 153 -1.23 23.83 -5.41
N MET A 154 -0.97 22.79 -4.62
CA MET A 154 -0.52 21.50 -5.10
C MET A 154 -1.70 20.65 -5.54
N GLU A 155 -2.88 20.95 -5.07
CA GLU A 155 -4.06 20.11 -5.42
C GLU A 155 -3.84 18.62 -5.14
N SER A 156 -3.35 18.36 -3.94
CA SER A 156 -3.17 17.04 -3.38
C SER A 156 -4.22 16.81 -2.30
N GLU A 157 -5.37 16.30 -2.69
CA GLU A 157 -6.50 16.17 -1.78
C GLU A 157 -6.26 15.17 -0.64
N GLY A 158 -5.39 14.20 -0.88
CA GLY A 158 -5.08 13.18 0.12
C GLY A 158 -4.07 13.56 1.18
N ALA A 159 -3.46 14.75 1.06
CA ALA A 159 -2.40 15.13 2.00
C ALA A 159 -2.78 15.13 3.44
N PHE A 160 -3.98 15.59 3.72
CA PHE A 160 -4.40 15.64 5.11
C PHE A 160 -4.49 14.23 5.70
N LYS A 161 -5.21 13.37 5.01
CA LYS A 161 -5.29 11.98 5.44
C LYS A 161 -3.90 11.30 5.49
N GLU A 162 -3.11 11.48 4.46
CA GLU A 162 -1.85 10.79 4.41
C GLU A 162 -0.99 11.12 5.61
N CYS A 163 -0.83 12.42 5.86
CA CYS A 163 -0.03 12.86 6.98
C CYS A 163 -0.59 12.47 8.35
N TYR A 164 -1.86 12.78 8.66
CA TYR A 164 -2.34 12.66 10.04
C TYR A 164 -2.93 11.31 10.44
N LEU A 165 -3.35 10.53 9.45
CA LEU A 165 -3.84 9.19 9.69
C LEU A 165 -2.91 8.06 9.27
N GLU A 166 -2.17 8.23 8.20
CA GLU A 166 -1.40 7.12 7.63
C GLU A 166 0.09 7.23 7.81
N GLY A 167 0.55 8.32 8.42
CA GLY A 167 2.00 8.51 8.64
C GLY A 167 2.81 8.69 7.34
N ASP A 168 2.12 8.92 6.22
CA ASP A 168 2.73 9.08 4.90
C ASP A 168 3.00 10.58 4.62
N GLN A 169 4.25 10.95 4.56
CA GLN A 169 4.61 12.34 4.32
C GLN A 169 5.13 12.62 2.90
N THR A 170 4.74 11.82 1.96
CA THR A 170 5.01 12.11 0.57
C THR A 170 4.68 13.58 0.20
N SER A 171 3.53 14.06 0.63
CA SER A 171 3.11 15.40 0.24
C SER A 171 4.03 16.48 0.82
N LEU A 172 4.71 16.20 1.93
CA LEU A 172 5.62 17.19 2.55
C LEU A 172 6.91 17.29 1.80
N TYR A 173 7.34 16.17 1.23
CA TYR A 173 8.48 16.21 0.35
C TYR A 173 8.15 17.08 -0.90
N HIS A 174 6.98 16.94 -1.46
CA HIS A 174 6.63 17.72 -2.66
C HIS A 174 6.43 19.20 -2.33
N ALA A 175 5.93 19.48 -1.14
CA ALA A 175 5.89 20.85 -0.70
C ALA A 175 7.28 21.44 -0.60
N ALA A 176 8.20 20.71 0.01
CA ALA A 176 9.56 21.24 0.09
C ALA A 176 10.18 21.48 -1.29
N LYS A 177 10.01 20.53 -2.20
CA LYS A 177 10.51 20.66 -3.58
C LYS A 177 9.87 21.90 -4.21
N GLY A 178 8.57 22.04 -4.01
CA GLY A 178 7.88 23.27 -4.43
C GLY A 178 8.53 24.56 -3.97
N LEU A 179 8.83 24.62 -2.70
CA LEU A 179 9.56 25.76 -2.12
C LEU A 179 10.95 25.92 -2.69
N MET A 180 11.60 24.84 -3.06
CA MET A 180 12.92 25.03 -3.74
C MET A 180 12.77 25.66 -5.11
N THR A 181 11.79 25.21 -5.87
CA THR A 181 11.53 25.84 -7.17
C THR A 181 11.21 27.33 -7.04
N LEU A 182 10.30 27.68 -6.12
CA LEU A 182 10.06 29.09 -5.85
C LEU A 182 11.34 29.86 -5.51
N GLN A 183 12.22 29.29 -4.70
CA GLN A 183 13.42 30.05 -4.34
C GLN A 183 14.38 30.21 -5.51
N ALA A 184 14.42 29.22 -6.41
CA ALA A 184 15.25 29.36 -7.63
C ALA A 184 14.74 30.53 -8.51
N LEU A 185 13.45 30.83 -8.48
CA LEU A 185 12.93 31.90 -9.35
C LEU A 185 12.80 33.23 -8.65
N TYR A 186 12.49 33.20 -7.36
CA TYR A 186 12.13 34.39 -6.64
C TYR A 186 13.05 34.69 -5.48
N GLY A 187 14.11 33.92 -5.37
CA GLY A 187 15.15 34.19 -4.39
C GLY A 187 14.90 33.46 -3.10
N THR A 188 15.98 33.36 -2.34
CA THR A 188 15.95 32.68 -1.06
C THR A 188 14.99 33.38 -0.10
N ILE A 189 14.25 32.61 0.70
CA ILE A 189 13.40 33.15 1.74
C ILE A 189 14.20 33.20 3.04
N PRO A 190 14.46 34.37 3.55
CA PRO A 190 15.46 34.46 4.66
C PRO A 190 14.96 34.03 6.03
N GLN A 191 13.64 34.13 6.27
CA GLN A 191 13.02 33.83 7.58
C GLN A 191 11.94 32.81 7.45
N ILE A 192 11.96 31.83 8.31
CA ILE A 192 11.01 30.78 8.26
C ILE A 192 10.41 30.65 9.63
N PHE A 193 9.08 30.68 9.70
CA PHE A 193 8.35 30.47 10.96
C PHE A 193 7.40 29.33 10.73
N GLY A 194 7.08 28.59 11.79
CA GLY A 194 6.06 27.55 11.68
C GLY A 194 5.41 27.11 12.98
N LYS A 195 4.22 26.51 12.80
CA LYS A 195 3.47 25.89 13.85
C LYS A 195 2.90 24.58 13.31
N GLY A 196 3.29 23.45 13.91
CA GLY A 196 2.77 22.12 13.57
C GLY A 196 3.83 21.04 13.29
N GLU A 197 3.45 19.78 13.45
CA GLU A 197 4.33 18.66 13.09
C GLU A 197 4.73 18.68 11.61
N CYS A 198 3.75 18.78 10.73
CA CYS A 198 4.04 18.79 9.30
C CYS A 198 4.97 19.93 8.94
N ALA A 199 4.71 21.08 9.50
CA ALA A 199 5.54 22.24 9.29
C ALA A 199 6.98 22.02 9.63
N ARG A 200 7.22 21.39 10.77
CA ARG A 200 8.59 21.14 11.24
C ARG A 200 9.34 20.30 10.21
N GLN A 201 8.64 19.34 9.61
CA GLN A 201 9.27 18.47 8.60
C GLN A 201 9.55 19.21 7.27
N VAL A 202 8.60 20.03 6.83
CA VAL A 202 8.82 20.79 5.64
C VAL A 202 10.05 21.69 5.82
N ALA A 203 10.07 22.45 6.93
CA ALA A 203 11.24 23.29 7.21
C ALA A 203 12.53 22.45 7.17
N ASN A 204 12.52 21.30 7.84
CA ASN A 204 13.75 20.52 7.94
C ASN A 204 14.17 20.10 6.54
N MET A 205 13.22 19.71 5.67
CA MET A 205 13.57 19.33 4.28
C MET A 205 14.03 20.49 3.39
N MET A 206 13.38 21.64 3.46
CA MET A 206 13.90 22.87 2.82
C MET A 206 15.39 23.09 3.07
N ILE A 207 15.77 23.02 4.34
CA ILE A 207 17.08 23.42 4.77
C ILE A 207 18.10 22.38 4.29
N ARG A 208 17.73 21.10 4.42
CA ARG A 208 18.54 20.01 3.88
C ARG A 208 18.76 20.13 2.38
N MET A 209 17.66 20.39 1.66
CA MET A 209 17.73 20.43 0.19
C MET A 209 18.62 21.57 -0.30
N LYS A 210 18.58 22.68 0.43
CA LYS A 210 19.42 23.84 0.16
C LYS A 210 20.91 23.61 0.49
N ARG A 211 21.18 22.95 1.61
CA ARG A 211 22.56 22.55 1.92
C ARG A 211 23.13 21.56 0.88
N GLU A 212 22.31 20.65 0.35
CA GLU A 212 22.75 19.65 -0.65
C GLU A 212 22.72 20.18 -2.10
N PHE A 213 22.21 21.38 -2.35
CA PHE A 213 22.31 21.96 -3.69
C PHE A 213 23.79 22.27 -3.93
N THR A 214 24.27 22.12 -5.16
CA THR A 214 25.68 22.48 -5.47
C THR A 214 25.88 23.16 -6.84
N GLY A 215 24.80 23.74 -7.37
CA GLY A 215 24.85 24.61 -8.57
C GLY A 215 25.23 26.05 -8.25
N SER A 216 25.12 26.94 -9.23
CA SER A 216 25.43 28.38 -9.03
C SER A 216 24.70 28.95 -7.82
N GLN A 217 25.41 29.71 -7.01
CA GLN A 217 24.81 30.32 -5.82
C GLN A 217 23.76 31.34 -6.25
N ASN A 218 22.65 31.39 -5.51
CA ASN A 218 21.48 32.12 -5.95
C ASN A 218 21.66 33.62 -5.79
N SER A 219 21.58 34.36 -6.89
CA SER A 219 21.91 35.77 -6.87
C SER A 219 20.64 36.60 -6.83
N ILE A 220 19.50 35.95 -6.93
CA ILE A 220 18.23 36.66 -7.06
C ILE A 220 17.80 37.39 -5.77
N PHE A 221 17.42 38.65 -5.91
CA PHE A 221 16.98 39.44 -4.79
C PHE A 221 15.62 38.93 -4.30
N PRO A 222 15.52 38.64 -3.00
CA PRO A 222 14.36 38.01 -2.41
C PRO A 222 13.09 38.81 -2.58
N VAL A 223 12.07 38.14 -3.07
CA VAL A 223 10.74 38.68 -3.19
C VAL A 223 9.90 38.40 -1.94
N PHE A 224 10.01 37.19 -1.40
CA PHE A 224 9.45 36.85 -0.10
C PHE A 224 10.40 37.18 1.04
N ASP A 225 9.89 37.92 2.01
CA ASP A 225 10.60 38.21 3.24
C ASP A 225 10.48 37.07 4.24
N ASN A 226 9.37 36.33 4.22
CA ASN A 226 9.04 35.35 5.25
C ASN A 226 8.29 34.21 4.70
N LEU A 227 8.50 33.05 5.28
CA LEU A 227 7.59 31.94 5.08
C LEU A 227 6.96 31.58 6.40
N LEU A 228 5.66 31.32 6.39
CA LEU A 228 4.96 30.80 7.56
C LEU A 228 4.30 29.50 7.20
N LEU A 229 4.73 28.42 7.87
CA LEU A 229 4.26 27.07 7.62
C LEU A 229 3.27 26.73 8.66
N LEU A 230 2.10 26.29 8.24
CA LEU A 230 1.01 26.06 9.16
C LEU A 230 0.27 24.76 8.97
N ASP A 231 0.25 23.93 9.99
CA ASP A 231 -0.48 22.66 9.94
C ASP A 231 -1.97 22.89 9.97
N ARG A 232 -2.70 22.20 9.11
CA ARG A 232 -4.16 22.27 9.14
C ARG A 232 -4.70 21.86 10.52
N ASN A 233 -4.04 20.91 11.19
CA ASN A 233 -4.58 20.38 12.46
C ASN A 233 -4.40 21.33 13.62
N VAL A 234 -3.73 22.44 13.38
CA VAL A 234 -3.68 23.50 14.37
C VAL A 234 -5.01 24.22 14.45
N ASP A 235 -5.75 24.25 13.34
CA ASP A 235 -7.07 24.86 13.30
C ASP A 235 -8.03 23.97 12.54
N LEU A 236 -8.57 23.02 13.28
CA LEU A 236 -9.57 22.09 12.78
C LEU A 236 -10.96 22.68 12.67
N LEU A 237 -11.20 23.79 13.35
CA LEU A 237 -12.54 24.34 13.39
C LEU A 237 -12.93 24.99 12.05
N THR A 238 -12.07 25.88 11.53
CA THR A 238 -12.47 26.77 10.46
C THR A 238 -13.15 26.09 9.25
N PRO A 239 -12.60 24.96 8.78
CA PRO A 239 -13.17 24.34 7.57
C PRO A 239 -14.53 23.75 7.77
N LEU A 240 -14.89 23.44 9.00
CA LEU A 240 -16.16 22.84 9.31
C LEU A 240 -17.29 23.89 9.16
N ALA A 241 -17.03 25.14 9.54
CA ALA A 241 -18.07 26.17 9.52
C ALA A 241 -18.48 26.55 8.09
N THR A 242 -19.75 26.94 7.95
CA THR A 242 -20.23 27.39 6.66
C THR A 242 -19.63 28.75 6.28
N GLN A 243 -19.00 28.79 5.12
CA GLN A 243 -18.42 30.02 4.64
C GLN A 243 -19.47 31.02 4.21
N LEU A 244 -19.21 32.31 4.48
CA LEU A 244 -20.25 33.32 4.22
C LEU A 244 -19.80 34.43 3.23
N THR A 245 -18.68 34.23 2.56
CA THR A 245 -18.31 35.12 1.48
C THR A 245 -18.93 34.68 0.17
N TYR A 246 -18.88 35.55 -0.83
CA TYR A 246 -19.47 35.24 -2.14
C TYR A 246 -18.79 34.00 -2.71
N GLU A 247 -17.47 34.04 -2.82
CA GLU A 247 -16.71 32.91 -3.40
C GLU A 247 -16.87 31.69 -2.48
N GLY A 248 -16.80 31.90 -1.19
CA GLY A 248 -17.05 30.81 -0.24
C GLY A 248 -18.36 30.08 -0.50
N LEU A 249 -19.42 30.84 -0.66
CA LEU A 249 -20.71 30.21 -0.83
C LEU A 249 -20.86 29.55 -2.18
N ILE A 250 -20.19 30.05 -3.21
CA ILE A 250 -20.23 29.36 -4.48
C ILE A 250 -19.55 27.98 -4.30
N ASP A 251 -18.42 27.97 -3.60
CA ASP A 251 -17.75 26.72 -3.27
C ASP A 251 -18.60 25.76 -2.37
N GLU A 252 -19.23 26.31 -1.32
CA GLU A 252 -20.08 25.46 -0.43
C GLU A 252 -21.18 24.83 -1.21
N ILE A 253 -21.78 25.58 -2.13
CA ILE A 253 -23.02 25.12 -2.74
C ILE A 253 -22.78 24.35 -4.01
N TYR A 254 -21.97 24.87 -4.93
CA TYR A 254 -21.73 24.22 -6.25
C TYR A 254 -20.37 23.57 -6.42
N GLY A 255 -19.38 24.04 -5.64
CA GLY A 255 -18.00 23.54 -5.68
C GLY A 255 -17.21 24.18 -6.81
N ILE A 256 -16.04 24.73 -6.49
CA ILE A 256 -15.19 25.30 -7.53
C ILE A 256 -14.03 24.32 -7.77
N GLN A 257 -13.84 23.87 -9.02
CA GLN A 257 -12.78 22.88 -9.31
C GLN A 257 -11.82 23.46 -10.32
N ASN A 258 -10.52 23.55 -10.01
CA ASN A 258 -9.56 24.13 -10.97
C ASN A 258 -9.95 25.51 -11.52
N SER A 259 -10.51 26.31 -10.61
CA SER A 259 -11.11 27.67 -10.83
C SER A 259 -12.29 27.74 -11.81
N TYR A 260 -12.96 26.63 -12.03
CA TYR A 260 -14.25 26.63 -12.76
C TYR A 260 -15.39 26.12 -11.89
N VAL A 261 -16.58 26.66 -12.12
CA VAL A 261 -17.80 26.21 -11.47
C VAL A 261 -18.83 25.80 -12.55
N LYS A 262 -19.58 24.77 -12.24
CA LYS A 262 -20.65 24.28 -13.07
C LYS A 262 -21.97 24.66 -12.42
N LEU A 263 -22.75 25.44 -13.10
CA LEU A 263 -24.02 25.92 -12.54
C LEU A 263 -25.23 25.39 -13.27
N PRO A 264 -26.35 25.36 -12.60
CA PRO A 264 -27.62 25.13 -13.37
C PRO A 264 -27.81 26.18 -14.45
N PRO A 265 -28.20 25.75 -15.63
CA PRO A 265 -28.19 26.65 -16.80
C PRO A 265 -29.38 27.59 -17.05
N GLU A 266 -30.47 27.47 -16.27
CA GLU A 266 -31.74 28.11 -16.63
C GLU A 266 -31.56 29.59 -16.75
N LYS A 267 -30.84 30.22 -15.81
CA LYS A 267 -30.74 31.67 -15.78
C LYS A 267 -29.74 32.23 -16.75
N PHE A 268 -29.00 31.36 -17.42
CA PHE A 268 -27.94 31.84 -18.27
C PHE A 268 -28.24 31.78 -19.77
N ALA A 269 -27.48 32.58 -20.52
CA ALA A 269 -27.44 32.50 -22.00
C ALA A 269 -26.75 31.21 -22.53
N PRO A 270 -27.37 30.57 -23.58
CA PRO A 270 -28.77 30.78 -24.01
C PRO A 270 -29.75 29.78 -23.33
N LYS A 271 -30.71 30.28 -22.55
CA LYS A 271 -31.72 29.38 -21.94
C LYS A 271 -32.96 30.17 -21.43
N THR A 282 -30.36 19.41 -21.09
CA THR A 282 -29.22 20.21 -21.56
C THR A 282 -28.26 20.58 -20.40
N GLU A 283 -27.00 20.80 -20.79
CA GLU A 283 -25.86 20.83 -19.87
C GLU A 283 -25.64 22.13 -19.05
N ALA A 284 -24.84 21.97 -18.01
CA ALA A 284 -24.52 23.00 -17.07
C ALA A 284 -23.75 24.13 -17.70
N LYS A 285 -24.00 25.33 -17.20
CA LYS A 285 -23.23 26.49 -17.53
C LYS A 285 -21.91 26.45 -16.76
N LYS A 286 -20.78 26.44 -17.50
CA LYS A 286 -19.45 26.38 -16.94
C LYS A 286 -18.82 27.77 -16.96
N LEU A 287 -18.36 28.30 -15.82
CA LEU A 287 -17.71 29.62 -15.77
C LEU A 287 -16.40 29.62 -15.02
N GLN A 288 -15.46 30.42 -15.49
CA GLN A 288 -14.20 30.59 -14.80
C GLN A 288 -14.28 31.72 -13.78
N LEU A 289 -13.79 31.47 -12.58
CA LEU A 289 -13.80 32.42 -11.52
C LEU A 289 -12.41 32.73 -11.03
N ASN A 290 -11.91 33.90 -11.43
CA ASN A 290 -10.65 34.37 -10.88
C ASN A 290 -10.58 35.88 -11.02
N SER A 291 -9.45 36.47 -10.60
CA SER A 291 -9.27 37.89 -10.59
C SER A 291 -9.16 38.57 -11.91
N ALA A 292 -9.11 37.85 -13.01
CA ALA A 292 -9.01 38.54 -14.33
C ALA A 292 -10.29 39.28 -14.69
N GLU A 293 -11.43 38.88 -14.12
CA GLU A 293 -12.73 39.56 -14.26
C GLU A 293 -12.91 40.68 -13.21
N GLU A 294 -12.94 41.93 -13.65
CA GLU A 294 -12.94 43.06 -12.68
C GLU A 294 -14.04 42.88 -11.61
N LEU A 295 -15.23 42.53 -12.05
CA LEU A 295 -16.35 42.57 -11.15
C LEU A 295 -16.17 41.48 -10.12
N TYR A 296 -15.71 40.30 -10.54
CA TYR A 296 -15.46 39.18 -9.61
C TYR A 296 -14.36 39.54 -8.61
N ALA A 297 -13.33 40.20 -9.11
CA ALA A 297 -12.27 40.69 -8.17
C ALA A 297 -12.85 41.55 -7.06
N GLU A 298 -13.88 42.30 -7.37
CA GLU A 298 -14.41 43.26 -6.47
C GLU A 298 -15.37 42.63 -5.43
N ILE A 299 -16.15 41.61 -5.81
CA ILE A 299 -17.07 41.02 -4.89
C ILE A 299 -16.70 39.64 -4.29
N ARG A 300 -15.72 38.94 -4.84
CA ARG A 300 -15.47 37.59 -4.38
C ARG A 300 -15.13 37.45 -2.90
N ASP A 301 -14.40 38.40 -2.34
CA ASP A 301 -13.95 38.36 -0.95
C ASP A 301 -14.94 39.01 0.02
N LYS A 302 -15.99 39.60 -0.50
CA LYS A 302 -17.02 40.23 0.34
C LYS A 302 -17.91 39.23 1.05
N ASN A 303 -18.36 39.59 2.24
CA ASN A 303 -19.52 38.91 2.84
C ASN A 303 -20.70 38.96 1.89
N PHE A 304 -21.40 37.84 1.74
CA PHE A 304 -22.42 37.78 0.73
C PHE A 304 -23.51 38.84 0.91
N ASN A 305 -23.71 39.32 2.14
CA ASN A 305 -24.74 40.37 2.32
C ASN A 305 -24.35 41.77 1.80
N ALA A 306 -23.10 41.98 1.41
CA ALA A 306 -22.65 43.25 0.81
C ALA A 306 -22.67 43.21 -0.73
N VAL A 307 -22.95 42.07 -1.33
CA VAL A 307 -22.87 41.94 -2.75
C VAL A 307 -24.00 42.63 -3.53
N GLY A 308 -25.24 42.41 -3.10
CA GLY A 308 -26.41 43.09 -3.65
C GLY A 308 -26.21 44.56 -3.95
N SER A 309 -25.66 45.35 -3.00
CA SER A 309 -25.46 46.80 -3.25
C SER A 309 -24.47 47.04 -4.36
N VAL A 310 -23.36 46.28 -4.35
CA VAL A 310 -22.37 46.43 -5.41
C VAL A 310 -23.04 46.21 -6.77
N LEU A 311 -23.83 45.13 -6.90
CA LEU A 311 -24.54 44.83 -8.19
C LEU A 311 -25.50 45.92 -8.64
N SER A 312 -26.30 46.45 -7.70
CA SER A 312 -27.14 47.60 -8.02
C SER A 312 -26.40 48.80 -8.55
N LYS A 313 -25.28 49.15 -7.94
CA LYS A 313 -24.48 50.23 -8.47
C LYS A 313 -24.03 49.96 -9.90
N LYS A 314 -23.59 48.75 -10.19
CA LYS A 314 -23.10 48.53 -11.53
C LYS A 314 -24.25 48.57 -12.52
N ALA A 315 -25.37 48.00 -12.11
CA ALA A 315 -26.56 48.01 -12.97
C ALA A 315 -26.90 49.40 -13.37
N LYS A 316 -26.92 50.33 -12.43
CA LYS A 316 -27.19 51.72 -12.80
C LYS A 316 -26.15 52.32 -13.74
N ILE A 317 -24.87 52.01 -13.55
CA ILE A 317 -23.84 52.63 -14.38
C ILE A 317 -23.97 52.13 -15.81
N ILE A 318 -24.12 50.82 -15.93
CA ILE A 318 -24.22 50.15 -17.24
C ILE A 318 -25.49 50.50 -17.97
N SER A 319 -26.57 50.41 -17.25
CA SER A 319 -27.84 50.87 -17.75
C SER A 319 -27.79 52.27 -18.34
N ALA A 320 -27.17 53.21 -17.63
CA ALA A 320 -27.07 54.61 -18.12
C ALA A 320 -26.20 54.77 -19.33
N ALA A 321 -25.12 54.00 -19.39
CA ALA A 321 -24.25 54.06 -20.57
C ALA A 321 -25.05 53.67 -21.80
N PHE A 322 -25.78 52.55 -21.73
CA PHE A 322 -26.62 52.06 -22.85
C PHE A 322 -27.77 53.02 -23.17
N GLU A 323 -28.47 53.51 -22.16
CA GLU A 323 -29.48 54.56 -22.38
C GLU A 323 -28.94 55.75 -23.16
N GLU A 324 -27.65 55.99 -23.09
CA GLU A 324 -27.03 57.12 -23.76
C GLU A 324 -26.91 56.92 -25.29
N ARG A 325 -27.27 55.75 -25.85
CA ARG A 325 -27.22 55.57 -27.34
C ARG A 325 -28.26 56.37 -28.11
N HIS A 326 -29.41 56.63 -27.50
CA HIS A 326 -30.45 57.52 -28.05
C HIS A 326 -29.93 58.96 -28.21
N ASN A 327 -29.08 59.44 -27.29
CA ASN A 327 -28.49 60.81 -27.39
C ASN A 327 -27.41 60.95 -28.46
N ALA A 328 -26.80 59.88 -28.93
CA ALA A 328 -25.73 60.06 -29.90
C ALA A 328 -26.30 60.25 -31.33
N LYS A 329 -26.75 61.48 -31.61
CA LYS A 329 -27.44 61.83 -32.89
C LYS A 329 -26.41 62.26 -33.95
N THR A 330 -25.28 62.81 -33.49
CA THR A 330 -24.20 63.38 -34.33
C THR A 330 -23.32 62.32 -34.99
N VAL A 331 -22.52 62.73 -35.98
CA VAL A 331 -21.45 61.84 -36.48
C VAL A 331 -20.26 61.78 -35.50
N GLY A 332 -19.99 62.89 -34.79
CA GLY A 332 -18.88 62.97 -33.83
C GLY A 332 -18.96 62.00 -32.63
N GLU A 333 -20.09 62.07 -31.93
CA GLU A 333 -20.33 61.29 -30.69
C GLU A 333 -20.81 59.84 -30.95
N ILE A 334 -21.10 59.52 -32.22
CA ILE A 334 -21.34 58.14 -32.63
C ILE A 334 -20.00 57.40 -32.75
N LYS A 335 -18.98 58.08 -33.30
CA LYS A 335 -17.60 57.59 -33.25
C LYS A 335 -17.23 57.07 -31.86
N GLN A 336 -17.46 57.91 -30.86
CA GLN A 336 -17.04 57.62 -29.51
C GLN A 336 -17.87 56.53 -28.75
N PHE A 337 -19.19 56.68 -28.70
CA PHE A 337 -20.06 55.65 -28.14
C PHE A 337 -19.65 54.27 -28.67
N VAL A 338 -19.51 54.19 -30.00
CA VAL A 338 -19.07 52.99 -30.71
C VAL A 338 -17.73 52.42 -30.24
N SER A 339 -16.80 53.29 -29.91
CA SER A 339 -15.48 52.85 -29.47
C SER A 339 -15.56 52.27 -28.07
N GLN A 340 -16.60 52.63 -27.31
CA GLN A 340 -16.77 52.19 -25.92
C GLN A 340 -17.59 50.92 -25.77
N LEU A 341 -18.22 50.50 -26.86
CA LEU A 341 -19.25 49.47 -26.85
C LEU A 341 -18.76 48.11 -26.45
N PRO A 342 -17.55 47.73 -26.91
CA PRO A 342 -17.11 46.39 -26.55
C PRO A 342 -16.99 46.22 -25.06
N HIS A 343 -16.53 47.28 -24.41
CA HIS A 343 -16.31 47.23 -22.99
C HIS A 343 -17.67 47.24 -22.29
N MET A 344 -18.58 48.07 -22.75
CA MET A 344 -19.95 48.07 -22.24
C MET A 344 -20.60 46.71 -22.33
N GLN A 345 -20.44 46.04 -23.46
CA GLN A 345 -21.02 44.68 -23.65
C GLN A 345 -20.43 43.64 -22.73
N ALA A 346 -19.12 43.67 -22.56
CA ALA A 346 -18.48 42.72 -21.64
C ALA A 346 -18.87 43.00 -20.12
N ALA A 347 -19.00 44.28 -19.78
CA ALA A 347 -19.39 44.64 -18.43
C ALA A 347 -20.84 44.18 -18.16
N ARG A 348 -21.72 44.39 -19.16
CA ARG A 348 -23.13 43.88 -19.09
C ARG A 348 -23.16 42.37 -18.93
N GLY A 349 -22.29 41.64 -19.66
CA GLY A 349 -22.31 40.19 -19.60
C GLY A 349 -21.82 39.67 -18.26
N SER A 350 -20.72 40.25 -17.81
CA SER A 350 -20.16 39.92 -16.50
C SER A 350 -21.19 40.19 -15.38
N LEU A 351 -21.87 41.33 -15.44
CA LEU A 351 -22.86 41.65 -14.46
C LEU A 351 -24.02 40.69 -14.54
N ALA A 352 -24.47 40.31 -15.73
CA ALA A 352 -25.64 39.38 -15.82
C ALA A 352 -25.22 38.07 -15.14
N ASN A 353 -23.99 37.61 -15.37
CA ASN A 353 -23.63 36.31 -14.76
C ASN A 353 -23.66 36.36 -13.28
N HIS A 354 -23.07 37.39 -12.70
CA HIS A 354 -22.95 37.39 -11.23
C HIS A 354 -24.23 37.76 -10.60
N THR A 355 -25.05 38.51 -11.31
CA THR A 355 -26.41 38.75 -10.85
C THR A 355 -27.21 37.44 -10.76
N SER A 356 -27.07 36.60 -11.76
CA SER A 356 -27.75 35.27 -11.71
C SER A 356 -27.17 34.35 -10.61
N ILE A 357 -25.86 34.38 -10.43
CA ILE A 357 -25.24 33.56 -9.39
C ILE A 357 -25.73 34.03 -8.02
N ALA A 358 -25.73 35.34 -7.77
CA ALA A 358 -26.27 35.86 -6.50
C ALA A 358 -27.70 35.43 -6.25
N GLU A 359 -28.56 35.37 -7.28
CA GLU A 359 -29.95 34.89 -7.08
C GLU A 359 -29.96 33.43 -6.67
N LEU A 360 -29.08 32.61 -7.28
CA LEU A 360 -28.97 31.21 -6.83
C LEU A 360 -28.55 31.05 -5.41
N ILE A 361 -27.56 31.84 -4.98
CA ILE A 361 -27.08 31.76 -3.61
C ILE A 361 -28.17 32.23 -2.62
N LYS A 362 -28.90 33.28 -2.98
CA LYS A 362 -30.01 33.82 -2.21
C LYS A 362 -31.15 32.78 -1.95
N ASP A 363 -31.49 32.00 -2.97
CA ASP A 363 -32.46 30.91 -2.84
C ASP A 363 -32.03 29.98 -1.67
N VAL A 364 -30.72 29.76 -1.53
CA VAL A 364 -30.25 28.93 -0.44
C VAL A 364 -30.15 29.70 0.84
N THR A 365 -29.55 30.87 0.83
CA THR A 365 -29.30 31.56 2.11
C THR A 365 -30.52 32.13 2.78
N THR A 366 -31.67 32.18 2.09
CA THR A 366 -32.89 32.63 2.71
C THR A 366 -33.75 31.47 3.13
N SER A 367 -33.31 30.23 2.93
CA SER A 367 -34.16 29.09 3.30
C SER A 367 -34.23 28.93 4.83
N GLU A 368 -35.26 28.29 5.34
CA GLU A 368 -35.34 28.05 6.80
C GLU A 368 -34.19 27.12 7.27
N ASP A 369 -33.89 26.08 6.48
CA ASP A 369 -32.84 25.17 6.90
C ASP A 369 -31.49 25.89 7.06
N PHE A 370 -31.19 26.84 6.18
CA PHE A 370 -29.92 27.54 6.27
C PHE A 370 -29.90 28.37 7.56
N PHE A 371 -30.98 29.09 7.83
CA PHE A 371 -31.02 29.92 9.01
C PHE A 371 -30.75 29.06 10.27
N ASP A 372 -31.35 27.86 10.31
CA ASP A 372 -31.24 26.99 11.49
C ASP A 372 -29.85 26.42 11.68
N LYS A 373 -29.25 26.00 10.57
CA LYS A 373 -27.88 25.49 10.56
C LYS A 373 -26.93 26.51 11.12
N LEU A 374 -27.10 27.72 10.67
CA LEU A 374 -26.21 28.79 11.04
C LEU A 374 -26.39 29.26 12.48
N THR A 375 -27.62 29.30 12.93
CA THR A 375 -27.87 29.55 14.31
C THR A 375 -27.06 28.51 15.17
N VAL A 376 -27.16 27.24 14.79
CA VAL A 376 -26.43 26.18 15.51
C VAL A 376 -24.93 26.36 15.40
N GLU A 377 -24.41 26.63 14.21
CA GLU A 377 -22.96 26.84 14.03
C GLU A 377 -22.45 27.96 14.95
N GLN A 378 -23.22 29.03 15.03
CA GLN A 378 -22.85 30.19 15.80
C GLN A 378 -23.00 30.00 17.25
N GLU A 379 -24.02 29.25 17.65
CA GLU A 379 -24.09 28.78 19.04
C GLU A 379 -22.76 28.08 19.43
N PHE A 380 -22.35 27.07 18.68
CA PHE A 380 -21.15 26.32 19.05
C PHE A 380 -19.89 27.19 19.04
N MET A 381 -19.73 28.05 18.04
CA MET A 381 -18.52 28.89 17.95
C MET A 381 -18.44 29.92 19.06
N SER A 382 -19.58 30.40 19.53
CA SER A 382 -19.55 31.34 20.67
C SER A 382 -19.58 30.65 22.02
N GLY A 383 -19.46 29.33 22.07
CA GLY A 383 -19.39 28.61 23.37
C GLY A 383 -20.65 28.16 24.08
N ILE A 384 -21.80 28.24 23.41
CA ILE A 384 -23.10 27.86 24.01
C ILE A 384 -23.48 26.36 23.80
N ASP A 385 -23.66 25.61 24.88
CA ASP A 385 -24.30 24.28 24.78
C ASP A 385 -23.54 23.30 23.88
N THR A 386 -22.22 23.36 23.97
CA THR A 386 -21.42 22.58 23.09
C THR A 386 -21.26 21.17 23.65
N ASP A 387 -21.98 20.81 24.71
CA ASP A 387 -21.86 19.43 25.28
C ASP A 387 -23.14 18.61 25.30
N LYS A 388 -24.30 19.20 25.04
CA LYS A 388 -25.52 18.40 24.99
C LYS A 388 -25.75 17.87 23.59
N VAL A 389 -26.47 16.78 23.46
CA VAL A 389 -27.00 16.35 22.19
C VAL A 389 -27.88 17.51 21.64
N ASN A 390 -27.71 17.88 20.38
CA ASN A 390 -28.32 19.06 19.85
C ASN A 390 -29.53 18.68 19.02
N ASN A 391 -30.62 19.40 19.21
CA ASN A 391 -31.91 18.98 18.64
C ASN A 391 -32.03 19.20 17.13
N TYR A 392 -31.31 20.17 16.60
CA TYR A 392 -31.35 20.37 15.16
C TYR A 392 -30.55 19.27 14.47
N ILE A 393 -29.42 18.89 15.08
CA ILE A 393 -28.62 17.80 14.49
C ILE A 393 -29.48 16.54 14.46
N GLU A 394 -30.12 16.23 15.57
CA GLU A 394 -31.01 15.07 15.65
C GLU A 394 -32.14 15.07 14.59
N ASP A 395 -32.81 16.23 14.39
CA ASP A 395 -33.77 16.38 13.25
C ASP A 395 -33.14 16.08 11.89
N CYS A 396 -31.93 16.58 11.65
CA CYS A 396 -31.28 16.30 10.36
C CYS A 396 -30.95 14.83 10.20
N ILE A 397 -30.51 14.18 11.28
CA ILE A 397 -30.23 12.77 11.19
C ILE A 397 -31.51 12.01 10.95
N ALA A 398 -32.58 12.35 11.66
CA ALA A 398 -33.84 11.63 11.51
C ALA A 398 -34.44 11.78 10.11
N GLN A 399 -34.23 12.94 9.51
CA GLN A 399 -34.74 13.15 8.17
C GLN A 399 -33.80 12.66 7.11
N LYS A 400 -32.69 12.11 7.55
CA LYS A 400 -31.68 11.59 6.65
C LYS A 400 -31.23 12.67 5.62
N HIS A 401 -30.91 13.85 6.11
CA HIS A 401 -30.21 14.79 5.29
C HIS A 401 -28.84 14.24 4.94
N SER A 402 -28.12 14.97 4.13
CA SER A 402 -26.81 14.56 3.67
C SER A 402 -25.87 14.17 4.84
N LEU A 403 -25.30 13.01 4.76
CA LEU A 403 -24.41 12.56 5.80
C LEU A 403 -23.30 13.58 6.14
N ILE A 404 -22.71 14.16 5.10
CA ILE A 404 -21.60 15.07 5.30
C ILE A 404 -21.99 16.35 5.99
N LYS A 405 -23.23 16.81 5.77
CA LYS A 405 -23.72 17.96 6.51
C LYS A 405 -23.77 17.61 7.98
N VAL A 406 -24.27 16.42 8.29
CA VAL A 406 -24.35 16.00 9.68
C VAL A 406 -22.98 15.88 10.30
N LEU A 407 -22.04 15.29 9.58
CA LEU A 407 -20.72 15.11 10.14
C LEU A 407 -20.01 16.45 10.43
N ARG A 408 -20.16 17.40 9.51
CA ARG A 408 -19.58 18.71 9.76
C ARG A 408 -20.09 19.29 11.04
N LEU A 409 -21.37 19.11 11.29
CA LEU A 409 -21.97 19.71 12.45
C LEU A 409 -21.52 19.03 13.75
N VAL A 410 -21.51 17.71 13.80
CA VAL A 410 -21.08 17.03 15.02
C VAL A 410 -19.56 17.23 15.25
N CYS A 411 -18.78 17.38 14.17
CA CYS A 411 -17.36 17.63 14.36
C CYS A 411 -17.13 19.04 14.90
N LEU A 412 -17.92 19.99 14.44
CA LEU A 412 -17.84 21.33 14.96
C LEU A 412 -18.13 21.36 16.45
N GLN A 413 -19.19 20.65 16.84
CA GLN A 413 -19.51 20.52 18.23
C GLN A 413 -18.32 19.91 19.00
N SER A 414 -17.65 18.89 18.45
CA SER A 414 -16.58 18.22 19.20
C SER A 414 -15.40 19.17 19.36
N VAL A 415 -15.02 19.81 18.28
CA VAL A 415 -13.92 20.72 18.32
C VAL A 415 -14.17 21.90 19.27
N CYS A 416 -15.37 22.45 19.30
CA CYS A 416 -15.69 23.53 20.21
C CYS A 416 -15.81 23.14 21.68
N ASN A 417 -16.00 21.87 21.94
CA ASN A 417 -16.07 21.32 23.29
C ASN A 417 -14.78 20.56 23.74
N SER A 418 -13.78 20.47 22.88
CA SER A 418 -12.60 19.56 23.10
C SER A 418 -13.02 18.09 23.30
N GLY A 419 -13.91 17.62 22.45
CA GLY A 419 -14.39 16.27 22.49
C GLY A 419 -15.75 16.31 23.11
N LEU A 420 -16.45 15.20 23.00
CA LEU A 420 -17.76 15.08 23.61
C LEU A 420 -17.68 14.01 24.68
N LYS A 421 -18.47 14.14 25.73
CA LYS A 421 -18.55 13.09 26.73
C LYS A 421 -18.94 11.80 26.02
N GLN A 422 -18.41 10.66 26.53
CA GLN A 422 -18.74 9.35 26.01
C GLN A 422 -20.19 9.16 25.61
N LYS A 423 -21.10 9.52 26.49
CA LYS A 423 -22.53 9.22 26.27
C LYS A 423 -23.06 9.95 25.06
N VAL A 424 -22.67 11.20 24.93
CA VAL A 424 -23.08 12.03 23.82
C VAL A 424 -22.47 11.49 22.55
N LEU A 425 -21.19 11.24 22.57
CA LEU A 425 -20.48 10.79 21.33
C LEU A 425 -21.07 9.50 20.80
N ASP A 426 -21.24 8.55 21.72
CA ASP A 426 -21.86 7.26 21.45
C ASP A 426 -23.32 7.35 20.96
N TYR A 427 -24.06 8.34 21.43
CA TYR A 427 -25.45 8.50 21.02
C TYR A 427 -25.49 8.98 19.57
N TYR A 428 -24.74 10.02 19.27
CA TYR A 428 -24.53 10.46 17.89
C TYR A 428 -24.10 9.33 16.98
N LYS A 429 -23.12 8.51 17.42
CA LYS A 429 -22.61 7.46 16.54
C LYS A 429 -23.61 6.36 16.23
N ARG A 430 -24.30 5.90 17.25
CA ARG A 430 -25.32 4.86 17.04
C ARG A 430 -26.38 5.32 16.06
N GLU A 431 -26.86 6.56 16.18
CA GLU A 431 -27.91 7.02 15.27
C GLU A 431 -27.38 7.29 13.88
N ILE A 432 -26.11 7.66 13.75
CA ILE A 432 -25.49 7.76 12.41
C ILE A 432 -25.39 6.40 11.77
N LEU A 433 -24.88 5.38 12.46
CA LEU A 433 -24.83 4.04 11.87
C LEU A 433 -26.19 3.40 11.55
N GLN A 434 -27.14 3.59 12.44
CA GLN A 434 -28.49 3.07 12.15
C GLN A 434 -29.13 3.72 10.91
N THR A 435 -28.91 5.00 10.76
CA THR A 435 -29.55 5.73 9.70
C THR A 435 -28.82 5.58 8.34
N TYR A 436 -27.48 5.66 8.37
CA TYR A 436 -26.68 5.73 7.14
C TYR A 436 -26.00 4.40 6.78
N GLY A 437 -25.83 3.48 7.76
CA GLY A 437 -25.25 2.17 7.52
C GLY A 437 -24.04 1.88 8.36
N TYR A 438 -23.89 0.62 8.79
CA TYR A 438 -22.73 0.19 9.57
C TYR A 438 -21.41 0.54 8.89
N GLU A 439 -21.36 0.40 7.57
CA GLU A 439 -20.11 0.66 6.84
C GLU A 439 -19.44 1.99 7.22
N HIS A 440 -20.18 2.96 7.76
CA HIS A 440 -19.60 4.28 8.08
C HIS A 440 -18.86 4.30 9.41
N ILE A 441 -18.82 3.16 10.11
CA ILE A 441 -18.03 3.12 11.29
C ILE A 441 -16.55 3.42 10.95
N LEU A 442 -16.14 3.07 9.75
CA LEU A 442 -14.82 3.43 9.31
C LEU A 442 -14.64 4.95 9.19
N THR A 443 -15.60 5.62 8.58
CA THR A 443 -15.56 7.09 8.56
C THR A 443 -15.47 7.72 9.99
N LEU A 444 -16.21 7.18 10.96
CA LEU A 444 -16.18 7.69 12.35
C LEU A 444 -14.82 7.49 13.00
N HIS A 445 -14.29 6.31 12.88
CA HIS A 445 -12.92 6.08 13.35
C HIS A 445 -11.92 7.03 12.69
N ASN A 446 -12.06 7.29 11.39
CA ASN A 446 -11.10 8.21 10.77
C ASN A 446 -11.23 9.63 11.36
N LEU A 447 -12.47 10.05 11.65
CA LEU A 447 -12.71 11.35 12.20
C LEU A 447 -12.14 11.44 13.58
N GLU A 448 -12.16 10.34 14.29
CA GLU A 448 -11.58 10.34 15.62
C GLU A 448 -10.04 10.51 15.52
N LYS A 449 -9.41 9.81 14.60
CA LYS A 449 -7.96 9.84 14.53
C LYS A 449 -7.47 11.23 14.08
N ALA A 450 -8.23 11.87 13.21
CA ALA A 450 -7.99 13.24 12.81
C ALA A 450 -8.12 14.26 13.94
N GLY A 451 -8.71 13.89 15.08
CA GLY A 451 -9.07 14.87 16.12
C GLY A 451 -10.40 15.65 15.92
N LEU A 452 -11.23 15.22 14.98
CA LEU A 452 -12.47 15.95 14.66
C LEU A 452 -13.71 15.51 15.44
N LEU A 453 -13.80 14.23 15.81
CA LEU A 453 -14.95 13.72 16.51
C LEU A 453 -14.46 12.68 17.49
N LYS A 454 -14.27 13.10 18.74
CA LYS A 454 -13.51 12.31 19.69
C LYS A 454 -14.06 12.49 21.07
N PRO A 455 -13.68 11.60 21.98
CA PRO A 455 -14.06 11.75 23.36
C PRO A 455 -13.26 12.84 24.02
N GLN A 456 -13.94 13.56 24.89
CA GLN A 456 -13.33 14.53 25.76
C GLN A 456 -12.49 13.75 26.75
N THR A 457 -11.29 14.26 27.10
CA THR A 457 -10.51 13.65 28.20
C THR A 457 -10.43 14.57 29.43
N GLY A 458 -10.50 13.93 30.60
CA GLY A 458 -10.74 14.64 31.86
C GLY A 458 -12.06 15.37 31.69
N GLY A 459 -12.34 16.33 32.56
CA GLY A 459 -13.41 17.28 32.27
C GLY A 459 -12.91 18.49 31.48
N ARG A 460 -11.65 18.45 31.02
CA ARG A 460 -10.92 19.66 30.58
C ARG A 460 -11.43 20.18 29.22
N ASN A 461 -11.64 21.50 29.10
CA ASN A 461 -12.03 22.08 27.79
C ASN A 461 -11.36 23.40 27.54
N ASN A 462 -10.45 23.40 26.58
CA ASN A 462 -9.63 24.56 26.31
C ASN A 462 -10.11 25.59 25.28
N TYR A 463 -11.12 25.24 24.50
CA TYR A 463 -11.55 26.16 23.45
C TYR A 463 -11.92 27.53 24.03
N PRO A 464 -12.64 27.59 25.16
CA PRO A 464 -12.96 28.94 25.68
C PRO A 464 -11.75 29.83 25.99
N THR A 465 -10.68 29.28 26.57
CA THR A 465 -9.45 30.05 26.76
C THR A 465 -8.89 30.49 25.40
N ILE A 466 -8.86 29.58 24.42
CA ILE A 466 -8.36 29.91 23.09
C ILE A 466 -9.24 30.95 22.40
N ARG A 467 -10.54 30.80 22.52
CA ARG A 467 -11.49 31.73 21.90
C ARG A 467 -11.40 33.15 22.51
N LYS A 468 -11.53 33.23 23.82
CA LYS A 468 -11.53 34.51 24.49
C LYS A 468 -10.15 35.20 24.25
N THR A 469 -9.04 34.47 24.40
CA THR A 469 -7.71 35.08 24.27
C THR A 469 -7.37 35.60 22.85
N LEU A 470 -7.64 34.82 21.81
CA LEU A 470 -7.41 35.26 20.43
C LEU A 470 -8.59 36.02 19.80
N ARG A 471 -9.59 36.38 20.60
CA ARG A 471 -10.77 37.13 20.14
C ARG A 471 -11.39 36.41 18.91
N LEU A 472 -11.68 35.13 19.04
CA LEU A 472 -12.18 34.31 17.91
C LEU A 472 -13.66 34.42 17.63
N TRP A 473 -14.45 34.85 18.61
CA TRP A 473 -15.87 35.12 18.33
C TRP A 473 -16.19 36.56 18.69
N MET A 474 -16.89 37.29 17.83
CA MET A 474 -17.37 38.64 18.15
C MET A 474 -18.85 38.78 17.75
N ASP A 475 -19.65 39.47 18.55
CA ASP A 475 -21.04 39.75 18.15
C ASP A 475 -21.12 41.04 17.32
N ASP A 476 -22.20 41.18 16.54
CA ASP A 476 -22.48 42.47 15.81
C ASP A 476 -21.30 42.96 14.95
N VAL A 477 -20.81 42.07 14.12
CA VAL A 477 -19.69 42.38 13.25
C VAL A 477 -20.12 43.21 12.04
N ASN A 478 -19.31 44.18 11.64
CA ASN A 478 -19.60 44.86 10.41
C ASN A 478 -19.35 44.00 9.16
N GLU A 479 -20.41 43.69 8.43
CA GLU A 479 -20.35 42.94 7.18
C GLU A 479 -20.22 43.81 5.93
N GLN A 480 -20.56 45.07 6.02
CA GLN A 480 -20.60 45.92 4.84
C GLN A 480 -19.29 46.65 4.62
N ASN A 481 -18.71 47.19 5.70
CA ASN A 481 -17.37 47.83 5.70
C ASN A 481 -16.58 47.21 6.79
N PRO A 482 -15.96 46.10 6.47
CA PRO A 482 -15.41 45.33 7.58
C PRO A 482 -14.22 46.00 8.26
N THR A 483 -14.06 45.69 9.54
CA THR A 483 -12.90 46.13 10.31
C THR A 483 -12.10 44.97 10.83
N ASP A 484 -12.56 43.73 10.67
CA ASP A 484 -11.81 42.62 11.22
C ASP A 484 -12.02 41.33 10.44
N ILE A 485 -11.06 40.41 10.52
CA ILE A 485 -11.15 39.18 9.73
C ILE A 485 -12.38 38.37 10.05
N SER A 486 -13.04 38.63 11.17
CA SER A 486 -14.27 37.87 11.47
C SER A 486 -15.42 38.08 10.46
N TYR A 487 -15.34 39.12 9.60
CA TYR A 487 -16.43 39.38 8.66
C TYR A 487 -16.72 38.15 7.73
N VAL A 488 -15.69 37.34 7.45
CA VAL A 488 -15.84 36.28 6.51
C VAL A 488 -16.77 35.14 7.00
N TYR A 489 -16.87 34.99 8.33
CA TYR A 489 -17.81 34.05 8.97
C TYR A 489 -18.82 34.79 9.87
N SER A 490 -19.10 36.06 9.58
CA SER A 490 -20.05 36.85 10.35
C SER A 490 -19.89 36.69 11.84
N GLY A 491 -18.65 36.68 12.32
CA GLY A 491 -18.42 36.72 13.75
C GLY A 491 -17.22 35.95 14.16
N TYR A 492 -16.97 34.85 13.44
CA TYR A 492 -15.88 33.95 13.77
C TYR A 492 -14.63 34.37 12.99
N ALA A 493 -13.57 34.67 13.74
CA ALA A 493 -12.28 34.95 13.16
C ALA A 493 -11.49 33.66 12.97
N PRO A 494 -11.21 33.26 11.73
CA PRO A 494 -10.44 32.01 11.59
C PRO A 494 -9.15 31.99 12.44
N LEU A 495 -8.96 30.94 13.24
CA LEU A 495 -7.79 30.83 14.11
C LEU A 495 -6.49 30.88 13.34
N SER A 496 -6.42 30.18 12.23
CA SER A 496 -5.25 30.20 11.37
C SER A 496 -4.80 31.59 10.98
N VAL A 497 -5.73 32.41 10.54
CA VAL A 497 -5.40 33.75 10.11
C VAL A 497 -5.08 34.64 11.31
N ARG A 498 -5.71 34.37 12.41
CA ARG A 498 -5.44 35.12 13.62
C ARG A 498 -4.00 34.90 14.10
N LEU A 499 -3.53 33.66 14.00
CA LEU A 499 -2.15 33.32 14.34
C LEU A 499 -1.18 34.05 13.40
N ALA A 500 -1.53 34.14 12.11
CA ALA A 500 -0.63 34.79 11.15
C ALA A 500 -0.53 36.28 11.47
N GLN A 501 -1.68 36.83 11.79
CA GLN A 501 -1.78 38.24 12.10
C GLN A 501 -0.90 38.55 13.29
N LEU A 502 -0.99 37.72 14.32
CA LEU A 502 -0.30 37.97 15.58
C LEU A 502 1.20 37.66 15.54
N LEU A 503 1.63 36.83 14.59
CA LEU A 503 3.06 36.68 14.29
C LEU A 503 3.68 37.99 13.79
N SER A 504 3.00 38.59 12.82
CA SER A 504 3.38 39.86 12.26
C SER A 504 3.35 40.97 13.31
N ARG A 505 2.31 41.04 14.14
CA ARG A 505 2.19 42.11 15.16
C ARG A 505 1.23 41.74 16.30
N PRO A 506 1.72 41.70 17.57
CA PRO A 506 3.04 42.14 18.07
C PRO A 506 4.10 41.05 18.10
N GLY A 507 3.77 39.85 17.64
CA GLY A 507 4.70 38.72 17.71
C GLY A 507 4.18 37.59 18.58
N TRP A 508 4.73 36.40 18.39
CA TRP A 508 4.20 35.24 19.04
C TRP A 508 4.58 35.14 20.52
N ARG A 509 5.49 36.00 21.00
CA ARG A 509 5.82 36.02 22.44
C ARG A 509 4.56 36.35 23.24
N SER A 510 3.75 37.27 22.73
CA SER A 510 2.55 37.69 23.44
C SER A 510 1.47 36.60 23.66
N ILE A 511 1.58 35.45 23.00
CA ILE A 511 0.57 34.37 23.11
C ILE A 511 1.16 32.99 23.37
N GLU A 512 2.38 33.00 23.87
CA GLU A 512 3.06 31.79 24.30
C GLU A 512 2.10 30.78 24.97
N GLU A 513 1.34 31.22 25.98
CA GLU A 513 0.54 30.26 26.75
C GLU A 513 -0.47 29.57 25.87
N VAL A 514 -1.02 30.26 24.89
CA VAL A 514 -2.01 29.64 23.98
C VAL A 514 -1.39 28.71 22.93
N LEU A 515 -0.29 29.12 22.34
CA LEU A 515 0.44 28.23 21.41
C LEU A 515 0.79 26.89 22.04
N ARG A 516 1.19 26.91 23.31
CA ARG A 516 1.56 25.65 23.98
C ARG A 516 0.41 24.68 24.10
N ILE A 517 -0.84 25.13 23.98
CA ILE A 517 -1.95 24.16 23.98
C ILE A 517 -2.49 23.83 22.62
N LEU A 518 -1.86 24.37 21.58
CA LEU A 518 -2.16 23.97 20.22
C LEU A 518 -1.13 22.93 19.72
N PRO A 519 -1.53 22.03 18.80
CA PRO A 519 -0.65 20.91 18.36
C PRO A 519 0.66 21.28 17.65
N GLY A 520 1.71 20.54 17.99
CA GLY A 520 3.02 20.67 17.38
C GLY A 520 3.84 21.78 17.98
N PRO A 521 5.12 21.84 17.58
CA PRO A 521 5.98 22.94 17.98
C PRO A 521 5.78 24.20 17.17
N HIS A 522 6.11 25.33 17.79
CA HIS A 522 6.32 26.60 17.12
C HIS A 522 7.83 26.84 17.03
N PHE A 523 8.31 27.28 15.89
CA PHE A 523 9.75 27.37 15.67
C PHE A 523 10.07 28.47 14.67
N GLU A 524 11.35 28.77 14.56
CA GLU A 524 11.84 29.82 13.71
C GLU A 524 13.23 29.39 13.15
N GLU A 525 13.53 29.73 11.90
CA GLU A 525 14.85 29.45 11.33
C GLU A 525 15.23 30.60 10.40
N ARG A 526 16.52 30.85 10.22
CA ARG A 526 17.00 31.75 9.19
C ARG A 526 17.75 31.02 8.12
N GLN A 527 17.69 31.60 6.93
CA GLN A 527 18.44 31.10 5.83
C GLN A 527 19.42 32.21 5.46
N PRO A 528 20.70 31.87 5.37
CA PRO A 528 21.71 32.90 5.11
C PRO A 528 21.63 33.46 3.66
N LEU A 529 21.88 34.76 3.56
CA LEU A 529 21.98 35.45 2.29
C LEU A 529 23.42 35.82 1.95
N PRO A 530 23.78 35.61 0.68
CA PRO A 530 25.04 36.21 0.18
C PRO A 530 25.18 37.72 0.48
N THR A 531 26.42 38.12 0.68
CA THR A 531 26.78 39.48 1.01
C THR A 531 26.89 40.30 -0.29
N ASN A 542 6.02 47.64 3.24
CA ASN A 542 5.24 46.42 3.52
C ASN A 542 6.05 45.14 3.21
N ARG A 543 6.23 44.26 4.19
CA ARG A 543 6.88 42.95 3.94
C ARG A 543 5.96 41.97 3.19
N VAL A 544 6.56 41.01 2.50
CA VAL A 544 5.76 39.99 1.85
C VAL A 544 5.95 38.65 2.53
N THR A 545 4.86 38.11 3.09
CA THR A 545 4.87 36.80 3.71
C THR A 545 4.19 35.73 2.83
N LEU A 546 4.88 34.60 2.65
CA LEU A 546 4.31 33.46 2.00
C LEU A 546 3.80 32.57 3.11
N ILE A 547 2.51 32.25 3.06
CA ILE A 547 1.87 31.43 4.08
C ILE A 547 1.36 30.14 3.44
N PHE A 548 1.82 29.01 3.98
CA PHE A 548 1.63 27.72 3.36
C PHE A 548 0.81 26.84 4.30
N PHE A 549 -0.43 26.57 3.90
CA PHE A 549 -1.29 25.70 4.63
C PHE A 549 -1.04 24.24 4.28
N LEU A 550 -0.59 23.46 5.24
CA LEU A 550 -0.28 22.04 4.98
C LEU A 550 -1.48 21.23 5.41
N GLY A 551 -2.27 20.78 4.43
CA GLY A 551 -3.49 20.01 4.71
C GLY A 551 -4.79 20.69 4.26
N GLY A 552 -4.68 21.84 3.59
CA GLY A 552 -5.81 22.50 2.97
C GLY A 552 -6.11 23.92 3.46
N VAL A 553 -6.81 24.68 2.62
CA VAL A 553 -7.24 26.01 2.98
C VAL A 553 -8.62 26.31 2.34
N THR A 554 -9.42 27.15 2.98
CA THR A 554 -10.72 27.54 2.44
C THR A 554 -10.65 28.92 1.80
N PHE A 555 -11.54 29.17 0.87
CA PHE A 555 -11.62 30.46 0.28
C PHE A 555 -11.89 31.59 1.27
N ALA A 556 -12.66 31.33 2.30
CA ALA A 556 -12.86 32.33 3.37
C ALA A 556 -11.55 32.72 4.11
N GLU A 557 -10.72 31.73 4.42
CA GLU A 557 -9.40 32.06 4.98
C GLU A 557 -8.60 32.92 4.00
N ILE A 558 -8.72 32.61 2.71
CA ILE A 558 -7.99 33.34 1.71
C ILE A 558 -8.46 34.80 1.71
N ALA A 559 -9.77 35.02 1.80
CA ALA A 559 -10.32 36.36 1.80
C ALA A 559 -9.82 37.14 2.98
N ALA A 560 -9.82 36.50 4.15
CA ALA A 560 -9.33 37.16 5.36
C ALA A 560 -7.87 37.60 5.23
N LEU A 561 -7.05 36.79 4.58
CA LEU A 561 -5.64 37.14 4.35
C LEU A 561 -5.53 38.30 3.37
N ARG A 562 -6.38 38.32 2.35
CA ARG A 562 -6.43 39.47 1.42
C ARG A 562 -6.87 40.74 2.15
N PHE A 563 -7.80 40.56 3.09
CA PHE A 563 -8.21 41.65 3.93
C PHE A 563 -7.02 42.22 4.75
N LEU A 564 -6.22 41.40 5.40
CA LEU A 564 -5.03 41.91 6.10
C LEU A 564 -4.06 42.53 5.12
N SER A 565 -3.91 41.90 3.96
CA SER A 565 -2.93 42.37 2.97
C SER A 565 -3.20 43.76 2.52
N GLN A 566 -4.46 44.14 2.47
CA GLN A 566 -4.81 45.44 1.89
C GLN A 566 -5.00 46.49 2.97
N LEU A 567 -4.91 46.21 4.27
CA LEU A 567 -4.82 47.32 5.23
C LEU A 567 -3.49 48.02 4.94
N GLU A 568 -3.51 49.33 4.76
CA GLU A 568 -2.27 50.08 4.55
C GLU A 568 -1.86 50.63 5.90
N ASP A 569 -1.73 49.70 6.86
CA ASP A 569 -1.34 49.98 8.24
C ASP A 569 0.13 49.61 8.49
N GLY A 570 0.96 49.66 7.43
CA GLY A 570 2.35 49.18 7.49
C GLY A 570 2.61 47.72 7.88
N GLY A 571 1.63 46.81 7.71
CA GLY A 571 1.80 45.39 8.08
C GLY A 571 2.47 44.59 6.96
N THR A 572 1.81 43.51 6.58
CA THR A 572 2.36 42.48 5.71
C THR A 572 1.34 42.16 4.66
N GLU A 573 1.82 41.78 3.49
CA GLU A 573 1.02 41.27 2.43
C GLU A 573 1.27 39.78 2.29
N TYR A 574 0.21 39.05 1.95
CA TYR A 574 0.27 37.63 1.96
C TYR A 574 0.20 37.10 0.55
N VAL A 575 1.02 36.10 0.24
CA VAL A 575 0.82 35.22 -0.89
C VAL A 575 0.53 33.83 -0.28
N ILE A 576 -0.54 33.18 -0.74
CA ILE A 576 -1.03 31.96 -0.13
C ILE A 576 -0.67 30.72 -0.94
N ALA A 577 -0.11 29.74 -0.25
CA ALA A 577 0.11 28.40 -0.83
C ALA A 577 -0.62 27.38 -0.01
N THR A 578 -0.95 26.26 -0.63
CA THR A 578 -1.64 25.18 0.08
C THR A 578 -1.44 23.87 -0.59
N THR A 579 -1.65 22.79 0.17
CA THR A 579 -1.62 21.44 -0.40
C THR A 579 -2.89 21.21 -1.18
N LYS A 580 -3.95 21.89 -0.78
CA LYS A 580 -5.23 21.73 -1.41
C LYS A 580 -6.19 22.88 -1.16
N LEU A 581 -6.96 23.24 -2.17
CA LEU A 581 -8.03 24.17 -2.00
C LEU A 581 -9.28 23.36 -1.61
N MET A 582 -9.84 23.55 -0.41
CA MET A 582 -11.01 22.81 -0.06
C MET A 582 -12.00 23.54 0.75
N ASN A 583 -13.09 22.84 1.01
CA ASN A 583 -14.10 23.24 2.00
C ASN A 583 -14.40 22.05 2.88
N GLY A 584 -15.25 22.27 3.88
CA GLY A 584 -15.55 21.24 4.88
C GLY A 584 -16.13 19.98 4.28
N THR A 585 -16.96 20.14 3.26
CA THR A 585 -17.55 19.02 2.57
C THR A 585 -16.53 18.21 1.84
N SER A 586 -15.61 18.82 1.09
CA SER A 586 -14.70 17.97 0.31
C SER A 586 -13.61 17.42 1.22
N TRP A 587 -13.30 18.17 2.30
CA TRP A 587 -12.35 17.75 3.32
C TRP A 587 -12.79 16.44 3.97
N ILE A 588 -14.05 16.39 4.39
CA ILE A 588 -14.56 15.21 5.02
C ILE A 588 -14.80 14.12 4.00
N GLU A 589 -15.28 14.41 2.78
CA GLU A 589 -15.37 13.32 1.79
C GLU A 589 -14.04 12.64 1.66
N ALA A 590 -12.97 13.40 1.66
CA ALA A 590 -11.65 12.80 1.44
C ALA A 590 -11.26 11.94 2.61
N LEU A 591 -11.87 12.15 3.78
CA LEU A 591 -11.62 11.25 4.92
C LEU A 591 -12.47 10.01 4.94
N MET A 592 -13.39 9.85 4.01
CA MET A 592 -14.18 8.65 3.95
C MET A 592 -13.45 7.62 3.11
N GLU A 593 -14.01 6.40 3.03
CA GLU A 593 -13.49 5.38 2.10
C GLU A 593 -14.49 5.04 0.95
N LYS A 594 -13.99 4.48 -0.17
CA LYS A 594 -14.83 4.18 -1.37
C LYS A 594 -15.92 3.14 -1.05
N PRO A 595 -17.20 3.56 -0.87
CA PRO A 595 -18.22 2.66 -0.27
C PRO A 595 -18.65 1.55 -1.22
N ALA B 2 -6.10 -29.04 8.09
CA ALA B 2 -4.82 -29.72 8.50
C ALA B 2 -4.42 -29.19 9.88
N ALA B 3 -4.65 -29.99 10.90
CA ALA B 3 -4.46 -29.53 12.26
C ALA B 3 -3.10 -28.92 12.47
N HIS B 4 -2.06 -29.48 11.85
CA HIS B 4 -0.72 -28.97 12.12
C HIS B 4 -0.47 -27.57 11.64
N LEU B 5 -1.30 -27.07 10.71
CA LEU B 5 -1.20 -25.66 10.26
C LEU B 5 -1.67 -24.68 11.32
N SER B 6 -2.29 -25.21 12.36
CA SER B 6 -2.77 -24.39 13.42
C SER B 6 -2.11 -24.68 14.77
N TYR B 7 -0.94 -25.29 14.81
CA TYR B 7 -0.35 -25.62 16.09
C TYR B 7 0.40 -24.45 16.69
N GLY B 8 0.85 -23.51 15.87
CA GLY B 8 1.67 -22.42 16.33
C GLY B 8 0.88 -21.16 16.53
N ARG B 9 1.56 -20.05 16.35
CA ARG B 9 1.02 -18.74 16.62
C ARG B 9 0.11 -18.12 15.57
N VAL B 10 0.09 -18.63 14.37
CA VAL B 10 -0.81 -18.13 13.37
C VAL B 10 -1.57 -19.29 12.75
N ASN B 11 -2.85 -19.13 12.58
CA ASN B 11 -3.62 -20.19 11.93
C ASN B 11 -3.52 -20.23 10.40
N LEU B 12 -2.54 -20.95 9.90
CA LEU B 12 -2.35 -21.01 8.47
C LEU B 12 -3.41 -21.81 7.70
N ASN B 13 -4.36 -22.43 8.38
CA ASN B 13 -5.55 -22.90 7.63
C ASN B 13 -6.42 -21.80 7.01
N VAL B 14 -6.32 -20.57 7.51
CA VAL B 14 -7.14 -19.54 6.99
C VAL B 14 -6.65 -19.24 5.59
N LEU B 15 -5.34 -19.14 5.47
CA LEU B 15 -4.74 -19.01 4.19
C LEU B 15 -5.00 -20.20 3.28
N ARG B 16 -4.66 -21.41 3.72
CA ARG B 16 -4.85 -22.57 2.87
C ARG B 16 -6.34 -22.64 2.46
N GLU B 17 -7.25 -22.40 3.37
CA GLU B 17 -8.67 -22.54 2.97
C GLU B 17 -9.10 -21.45 1.97
N ALA B 18 -8.47 -20.28 2.01
CA ALA B 18 -8.86 -19.22 1.08
C ALA B 18 -8.46 -19.60 -0.33
N VAL B 19 -7.24 -20.06 -0.52
CA VAL B 19 -6.80 -20.46 -1.85
C VAL B 19 -7.48 -21.77 -2.31
N ARG B 20 -7.92 -22.65 -1.40
CA ARG B 20 -8.74 -23.79 -1.83
C ARG B 20 -10.11 -23.29 -2.39
N ARG B 21 -10.72 -22.31 -1.71
CA ARG B 21 -12.02 -21.75 -2.12
C ARG B 21 -11.86 -21.19 -3.54
N GLU B 22 -10.74 -20.51 -3.81
CA GLU B 22 -10.55 -19.90 -5.10
C GLU B 22 -10.46 -20.94 -6.21
N LEU B 23 -9.72 -22.00 -5.95
CA LEU B 23 -9.64 -23.07 -6.88
C LEU B 23 -10.99 -23.67 -7.16
N ARG B 24 -11.81 -23.84 -6.13
CA ARG B 24 -13.12 -24.44 -6.29
C ARG B 24 -14.00 -23.60 -7.21
N GLU B 25 -13.93 -22.28 -7.01
CA GLU B 25 -14.76 -21.34 -7.73
C GLU B 25 -14.34 -21.40 -9.21
N PHE B 26 -13.06 -21.53 -9.46
CA PHE B 26 -12.62 -21.62 -10.83
C PHE B 26 -13.10 -22.90 -11.51
N LEU B 27 -12.98 -24.02 -10.84
CA LEU B 27 -13.40 -25.27 -11.47
C LEU B 27 -14.90 -25.28 -11.71
N ASP B 28 -15.65 -24.66 -10.82
CA ASP B 28 -17.07 -24.56 -11.01
C ASP B 28 -17.50 -23.74 -12.25
N LYS B 29 -16.68 -22.79 -12.71
CA LYS B 29 -17.01 -22.05 -13.94
C LYS B 29 -16.88 -22.92 -15.17
N CYS B 30 -15.91 -23.85 -15.14
CA CYS B 30 -15.69 -24.74 -16.24
C CYS B 30 -16.64 -25.95 -16.11
N ALA B 31 -17.93 -25.71 -16.36
CA ALA B 31 -19.00 -26.68 -16.09
C ALA B 31 -18.90 -27.99 -16.88
N GLY B 32 -19.07 -29.11 -16.17
CA GLY B 32 -18.94 -30.45 -16.72
C GLY B 32 -17.65 -31.19 -16.34
N SER B 33 -17.53 -32.39 -16.88
CA SER B 33 -16.40 -33.27 -16.64
C SER B 33 -15.12 -32.63 -17.20
N LYS B 34 -14.00 -32.87 -16.50
CA LYS B 34 -12.75 -32.21 -16.82
C LYS B 34 -11.55 -33.15 -16.80
N ALA B 35 -10.57 -32.83 -17.63
CA ALA B 35 -9.23 -33.30 -17.43
C ALA B 35 -8.40 -32.06 -17.19
N ILE B 36 -7.47 -32.16 -16.26
CA ILE B 36 -6.46 -31.13 -16.06
C ILE B 36 -5.17 -31.62 -16.70
N VAL B 37 -4.58 -30.76 -17.54
CA VAL B 37 -3.24 -31.02 -18.05
C VAL B 37 -2.26 -30.14 -17.31
N TRP B 38 -1.32 -30.75 -16.59
CA TRP B 38 -0.39 -30.06 -15.65
C TRP B 38 1.00 -29.80 -16.22
N ASP B 39 1.45 -28.56 -16.06
CA ASP B 39 2.90 -28.26 -16.13
C ASP B 39 3.51 -29.05 -14.98
N GLU B 40 4.34 -30.04 -15.27
CA GLU B 40 4.85 -30.97 -14.26
C GLU B 40 5.40 -30.30 -12.99
N TYR B 41 6.05 -29.16 -13.17
CA TYR B 41 6.70 -28.45 -12.09
C TYR B 41 5.69 -28.01 -11.03
N LEU B 42 4.44 -27.82 -11.38
CA LEU B 42 3.43 -27.41 -10.44
C LEU B 42 2.82 -28.52 -9.60
N THR B 43 2.88 -29.78 -10.03
CA THR B 43 2.10 -30.80 -9.34
C THR B 43 2.57 -30.94 -7.89
N GLY B 44 3.90 -30.89 -7.68
CA GLY B 44 4.47 -31.01 -6.35
C GLY B 44 3.92 -29.97 -5.37
N PRO B 45 4.22 -28.69 -5.61
CA PRO B 45 3.77 -27.66 -4.71
C PRO B 45 2.27 -27.64 -4.52
N PHE B 46 1.56 -27.96 -5.58
CA PHE B 46 0.11 -27.89 -5.51
C PHE B 46 -0.46 -28.92 -4.58
N GLY B 47 0.27 -30.02 -4.42
CA GLY B 47 -0.09 -31.08 -3.48
C GLY B 47 -0.26 -30.63 -2.04
N LEU B 48 0.41 -29.53 -1.68
CA LEU B 48 0.26 -28.98 -0.33
C LEU B 48 -1.05 -28.22 -0.16
N ILE B 49 -1.70 -27.82 -1.27
CA ILE B 49 -2.98 -27.13 -1.29
C ILE B 49 -4.15 -28.09 -1.49
N ALA B 50 -4.03 -28.98 -2.47
CA ALA B 50 -5.13 -29.89 -2.85
C ALA B 50 -4.69 -31.15 -3.58
N GLN B 51 -5.10 -32.27 -3.01
CA GLN B 51 -4.90 -33.59 -3.56
C GLN B 51 -6.01 -33.93 -4.56
N TYR B 52 -5.81 -35.03 -5.27
CA TYR B 52 -6.80 -35.50 -6.23
C TYR B 52 -8.21 -35.62 -5.61
N SER B 53 -8.30 -35.97 -4.33
CA SER B 53 -9.62 -36.18 -3.71
C SER B 53 -10.52 -34.93 -3.78
N LEU B 54 -9.96 -33.72 -3.66
CA LEU B 54 -10.78 -32.51 -3.79
C LEU B 54 -11.18 -32.30 -5.24
N LEU B 55 -10.19 -32.39 -6.13
CA LEU B 55 -10.43 -32.19 -7.54
C LEU B 55 -11.54 -33.12 -8.07
N LYS B 56 -11.55 -34.36 -7.58
CA LYS B 56 -12.54 -35.32 -8.02
C LYS B 56 -13.97 -34.89 -7.71
N GLU B 57 -14.18 -34.17 -6.62
CA GLU B 57 -15.52 -33.72 -6.29
C GLU B 57 -15.99 -32.58 -7.21
N HIS B 58 -15.09 -32.07 -8.05
CA HIS B 58 -15.44 -31.09 -9.06
C HIS B 58 -15.35 -31.67 -10.46
N GLU B 59 -15.62 -32.96 -10.54
CA GLU B 59 -15.72 -33.73 -11.80
C GLU B 59 -14.43 -33.78 -12.61
N VAL B 60 -13.29 -33.63 -11.95
CA VAL B 60 -12.02 -33.91 -12.60
C VAL B 60 -11.88 -35.43 -12.68
N GLU B 61 -12.00 -35.94 -13.90
CA GLU B 61 -11.99 -37.37 -14.12
C GLU B 61 -10.62 -37.90 -14.58
N LYS B 62 -9.76 -37.03 -15.10
CA LYS B 62 -8.43 -37.43 -15.57
C LYS B 62 -7.40 -36.31 -15.32
N MET B 63 -6.12 -36.70 -15.20
CA MET B 63 -5.01 -35.76 -15.02
C MET B 63 -3.87 -36.19 -15.89
N PHE B 64 -3.31 -35.26 -16.65
CA PHE B 64 -2.18 -35.59 -17.51
C PHE B 64 -1.05 -34.62 -17.27
N THR B 65 0.09 -34.93 -17.84
CA THR B 65 1.23 -34.06 -17.86
C THR B 65 1.29 -33.37 -19.23
N LEU B 66 1.63 -32.09 -19.23
CA LEU B 66 1.83 -31.30 -20.45
C LEU B 66 3.03 -31.82 -21.26
N LYS B 67 2.76 -32.27 -22.50
CA LYS B 67 3.77 -32.65 -23.51
C LYS B 67 3.27 -32.29 -24.88
N GLY B 68 4.16 -32.48 -25.85
CA GLY B 68 3.87 -32.08 -27.24
C GLY B 68 2.85 -32.95 -27.93
N ASN B 69 2.59 -32.62 -29.19
CA ASN B 69 1.74 -33.41 -30.08
C ASN B 69 0.31 -33.47 -29.58
N ARG B 70 -0.37 -34.57 -29.84
CA ARG B 70 -1.79 -34.66 -29.56
C ARG B 70 -2.00 -34.95 -28.07
N LEU B 71 -3.10 -34.45 -27.53
CA LEU B 71 -3.52 -34.83 -26.19
C LEU B 71 -4.01 -36.26 -26.19
N PRO B 72 -3.95 -36.90 -25.04
CA PRO B 72 -4.53 -38.25 -25.00
C PRO B 72 -6.05 -38.24 -25.13
N ALA B 73 -6.60 -39.32 -25.65
CA ALA B 73 -8.04 -39.44 -25.73
C ALA B 73 -8.65 -39.51 -24.30
N ALA B 74 -9.77 -38.83 -24.10
CA ALA B 74 -10.53 -38.92 -22.86
C ALA B 74 -11.88 -38.25 -23.09
N ASP B 75 -12.95 -38.95 -22.73
CA ASP B 75 -14.33 -38.47 -22.99
C ASP B 75 -14.73 -37.53 -21.86
N VAL B 76 -14.24 -36.30 -21.99
CA VAL B 76 -14.54 -35.24 -21.02
C VAL B 76 -14.94 -33.98 -21.77
N LYS B 77 -15.75 -33.17 -21.11
CA LYS B 77 -16.26 -31.94 -21.72
C LYS B 77 -15.14 -30.88 -21.85
N ASN B 78 -14.35 -30.76 -20.78
CA ASN B 78 -13.37 -29.68 -20.62
C ASN B 78 -11.95 -30.17 -20.45
N ILE B 79 -11.01 -29.55 -21.17
CA ILE B 79 -9.59 -29.68 -20.87
C ILE B 79 -9.14 -28.37 -20.28
N ILE B 80 -8.48 -28.42 -19.12
CA ILE B 80 -7.97 -27.22 -18.43
C ILE B 80 -6.48 -27.30 -18.24
N PHE B 81 -5.73 -26.32 -18.74
CA PHE B 81 -4.25 -26.32 -18.58
C PHE B 81 -3.88 -25.57 -17.35
N PHE B 82 -3.09 -26.18 -16.47
CA PHE B 82 -2.56 -25.47 -15.26
C PHE B 82 -1.13 -25.31 -15.52
N VAL B 83 -0.69 -24.07 -15.60
CA VAL B 83 0.59 -23.84 -16.21
C VAL B 83 1.24 -22.58 -15.66
N ARG B 84 2.57 -22.61 -15.53
CA ARG B 84 3.34 -21.43 -15.13
C ARG B 84 3.32 -20.48 -16.33
N PRO B 85 3.41 -19.18 -16.00
CA PRO B 85 3.62 -18.19 -17.03
C PRO B 85 5.01 -18.31 -17.63
N ARG B 86 5.20 -19.19 -18.64
CA ARG B 86 6.48 -19.34 -19.31
C ARG B 86 6.31 -19.45 -20.76
N LEU B 87 7.16 -18.73 -21.46
CA LEU B 87 7.05 -18.60 -22.90
C LEU B 87 7.12 -19.97 -23.61
N GLU B 88 8.12 -20.79 -23.26
CA GLU B 88 8.32 -22.14 -23.87
C GLU B 88 7.06 -23.09 -23.77
N LEU B 89 6.35 -23.03 -22.62
CA LEU B 89 5.14 -23.84 -22.42
C LEU B 89 3.97 -23.38 -23.24
N MET B 90 3.94 -22.10 -23.60
CA MET B 90 2.86 -21.63 -24.47
C MET B 90 2.89 -22.37 -25.81
N ASP B 91 4.07 -22.67 -26.33
CA ASP B 91 4.17 -23.34 -27.64
C ASP B 91 3.54 -24.74 -27.58
N ILE B 92 3.76 -25.43 -26.46
CA ILE B 92 3.29 -26.79 -26.29
C ILE B 92 1.77 -26.82 -26.17
N ILE B 93 1.21 -25.92 -25.39
CA ILE B 93 -0.23 -25.81 -25.32
C ILE B 93 -0.84 -25.53 -26.73
N ALA B 94 -0.25 -24.63 -27.48
CA ALA B 94 -0.75 -24.33 -28.83
C ALA B 94 -0.80 -25.61 -29.67
N GLU B 95 0.29 -26.36 -29.65
CA GLU B 95 0.33 -27.64 -30.36
C GLU B 95 -0.78 -28.60 -29.91
N ASN B 96 -1.08 -28.65 -28.62
CA ASN B 96 -2.13 -29.55 -28.10
C ASN B 96 -3.49 -29.17 -28.64
N VAL B 97 -3.72 -27.87 -28.64
CA VAL B 97 -4.99 -27.34 -29.06
C VAL B 97 -5.19 -27.59 -30.55
N LEU B 98 -4.21 -27.19 -31.37
CA LEU B 98 -4.30 -27.31 -32.83
C LEU B 98 -4.34 -28.74 -33.36
N SER B 99 -3.92 -29.70 -32.54
CA SER B 99 -3.86 -31.11 -32.93
C SER B 99 -5.13 -31.91 -32.62
N GLU B 100 -6.18 -31.30 -32.07
CA GLU B 100 -7.37 -32.11 -31.71
C GLU B 100 -7.99 -32.91 -32.88
N ASP B 101 -8.31 -34.20 -32.64
CA ASP B 101 -8.97 -35.08 -33.64
C ASP B 101 -10.41 -34.63 -33.98
N ARG B 102 -10.63 -34.19 -35.20
CA ARG B 102 -11.90 -33.55 -35.52
C ARG B 102 -13.11 -34.53 -35.47
N ARG B 103 -12.84 -35.81 -35.76
CA ARG B 103 -13.85 -36.92 -35.68
C ARG B 103 -14.32 -37.31 -34.25
N GLY B 104 -13.77 -36.71 -33.22
CA GLY B 104 -14.18 -37.10 -31.89
C GLY B 104 -14.89 -35.93 -31.29
N PRO B 105 -15.66 -36.18 -30.22
CA PRO B 105 -16.36 -35.08 -29.59
C PRO B 105 -15.45 -33.88 -29.33
N THR B 106 -16.02 -32.69 -29.47
CA THR B 106 -15.33 -31.42 -29.19
C THR B 106 -15.09 -31.20 -27.70
N ARG B 107 -13.93 -30.68 -27.34
CA ARG B 107 -13.57 -30.44 -25.93
C ARG B 107 -13.25 -28.97 -25.76
N ASP B 108 -13.91 -28.34 -24.81
CA ASP B 108 -13.72 -26.92 -24.58
C ASP B 108 -12.43 -26.75 -23.80
N PHE B 109 -11.69 -25.70 -24.13
CA PHE B 109 -10.38 -25.44 -23.52
C PHE B 109 -10.41 -24.29 -22.55
N HIS B 110 -9.59 -24.42 -21.51
CA HIS B 110 -9.41 -23.33 -20.55
C HIS B 110 -8.00 -23.33 -20.00
N ILE B 111 -7.58 -22.21 -19.43
CA ILE B 111 -6.22 -22.08 -18.93
C ILE B 111 -6.19 -21.25 -17.66
N LEU B 112 -5.44 -21.78 -16.69
CA LEU B 112 -5.20 -21.19 -15.40
C LEU B 112 -3.71 -20.98 -15.27
N PHE B 113 -3.30 -19.72 -15.15
CA PHE B 113 -1.90 -19.34 -15.01
C PHE B 113 -1.54 -19.25 -13.53
N VAL B 114 -0.40 -19.88 -13.18
CA VAL B 114 -0.01 -19.99 -11.76
C VAL B 114 1.36 -19.42 -11.45
N PRO B 115 1.41 -18.34 -10.61
CA PRO B 115 0.37 -17.66 -9.81
C PRO B 115 -0.28 -16.50 -10.42
N ARG B 116 0.20 -16.08 -11.60
CA ARG B 116 -0.33 -14.85 -12.17
C ARG B 116 -0.09 -14.80 -13.66
N ARG B 117 -1.04 -14.17 -14.37
CA ARG B 117 -0.96 -14.03 -15.84
C ARG B 117 0.33 -13.31 -16.12
N SER B 118 0.83 -13.45 -17.35
CA SER B 118 2.00 -12.70 -17.80
C SER B 118 1.56 -12.06 -19.04
N LEU B 119 1.73 -10.75 -19.14
CA LEU B 119 1.35 -10.02 -20.37
C LEU B 119 2.08 -10.62 -21.62
N LEU B 120 3.36 -10.94 -21.43
CA LEU B 120 4.22 -11.53 -22.47
C LEU B 120 3.72 -12.90 -23.02
N CYS B 121 3.32 -13.79 -22.09
CA CYS B 121 2.74 -15.08 -22.47
C CYS B 121 1.45 -14.95 -23.28
N GLU B 122 0.59 -14.03 -22.82
CA GLU B 122 -0.68 -13.77 -23.49
C GLU B 122 -0.42 -13.29 -24.92
N GLN B 123 0.63 -12.47 -25.10
CA GLN B 123 1.04 -12.05 -26.45
C GLN B 123 1.43 -13.27 -27.34
N ARG B 124 2.15 -14.23 -26.73
CA ARG B 124 2.66 -15.37 -27.46
C ARG B 124 1.50 -16.29 -27.92
N LEU B 125 0.53 -16.55 -27.05
CA LEU B 125 -0.59 -17.40 -27.50
C LEU B 125 -1.40 -16.71 -28.59
N LYS B 126 -1.46 -15.38 -28.54
CA LYS B 126 -2.11 -14.63 -29.61
C LYS B 126 -1.38 -14.76 -30.96
N ASP B 127 -0.06 -14.64 -30.92
CA ASP B 127 0.77 -14.80 -32.11
C ASP B 127 0.64 -16.21 -32.69
N LEU B 128 0.60 -17.21 -31.82
CA LEU B 128 0.43 -18.59 -32.26
C LEU B 128 -0.97 -18.89 -32.80
N GLY B 129 -1.90 -17.92 -32.66
CA GLY B 129 -3.28 -18.03 -33.17
C GLY B 129 -4.40 -18.57 -32.24
N VAL B 130 -4.05 -19.28 -31.17
CA VAL B 130 -5.00 -20.11 -30.39
C VAL B 130 -5.61 -19.38 -29.21
N LEU B 131 -5.26 -18.11 -29.00
CA LEU B 131 -5.78 -17.41 -27.83
C LEU B 131 -7.32 -17.46 -27.73
N GLY B 132 -7.99 -17.41 -28.88
CA GLY B 132 -9.44 -17.43 -28.93
C GLY B 132 -10.13 -18.79 -28.74
N SER B 133 -9.38 -19.87 -28.64
CA SER B 133 -9.97 -21.19 -28.31
C SER B 133 -10.24 -21.40 -26.78
N PHE B 134 -9.76 -20.49 -25.95
CA PHE B 134 -9.94 -20.62 -24.51
C PHE B 134 -11.16 -19.89 -24.04
N ILE B 135 -12.12 -20.62 -23.47
CA ILE B 135 -13.31 -20.03 -22.86
C ILE B 135 -12.95 -19.25 -21.58
N HIS B 136 -12.17 -19.81 -20.66
CA HIS B 136 -11.70 -19.06 -19.48
C HIS B 136 -10.19 -18.98 -19.42
N ARG B 137 -9.69 -17.78 -19.09
CA ARG B 137 -8.26 -17.54 -18.87
C ARG B 137 -8.12 -16.86 -17.56
N GLU B 138 -7.62 -17.53 -16.54
CA GLU B 138 -7.53 -16.85 -15.29
C GLU B 138 -6.23 -17.06 -14.67
N GLU B 139 -5.99 -16.31 -13.60
CA GLU B 139 -4.80 -16.52 -12.80
C GLU B 139 -5.20 -17.03 -11.42
N TYR B 140 -4.32 -17.84 -10.81
CA TYR B 140 -4.59 -18.37 -9.45
C TYR B 140 -3.53 -17.92 -8.50
N SER B 141 -3.87 -17.10 -7.48
CA SER B 141 -2.81 -16.38 -6.68
C SER B 141 -2.23 -17.21 -5.52
N LEU B 142 -1.37 -18.13 -5.94
CA LEU B 142 -0.55 -19.00 -5.08
C LEU B 142 0.86 -18.47 -4.99
N ASP B 143 1.07 -17.51 -4.12
CA ASP B 143 2.35 -16.94 -3.86
C ASP B 143 2.99 -17.69 -2.64
N LEU B 144 2.55 -17.51 -1.42
CA LEU B 144 3.12 -18.18 -0.23
C LEU B 144 2.34 -19.41 0.11
N ILE B 145 2.92 -20.59 -0.02
CA ILE B 145 2.30 -21.85 0.24
C ILE B 145 2.73 -22.29 1.66
N PRO B 146 1.78 -22.76 2.46
CA PRO B 146 2.09 -23.17 3.80
C PRO B 146 2.58 -24.59 3.81
N PHE B 147 3.78 -24.79 4.35
CA PHE B 147 4.39 -26.08 4.45
C PHE B 147 4.22 -26.66 5.83
N ASP B 148 4.18 -25.82 6.84
CA ASP B 148 3.93 -26.31 8.20
C ASP B 148 3.39 -25.12 9.01
N GLY B 149 3.14 -25.36 10.28
CA GLY B 149 2.50 -24.37 11.12
C GLY B 149 3.28 -23.12 11.33
N ASP B 150 4.55 -23.13 11.00
CA ASP B 150 5.38 -21.91 11.14
C ASP B 150 6.19 -21.65 9.88
N LEU B 151 5.74 -22.14 8.75
CA LEU B 151 6.62 -22.13 7.58
C LEU B 151 5.88 -21.95 6.28
N LEU B 152 6.34 -20.98 5.47
CA LEU B 152 5.73 -20.63 4.18
C LEU B 152 6.80 -20.51 3.14
N SER B 153 6.55 -21.07 1.95
CA SER B 153 7.45 -20.85 0.82
C SER B 153 6.69 -20.50 -0.48
N MET B 154 7.35 -19.70 -1.30
CA MET B 154 6.95 -19.43 -2.68
C MET B 154 7.41 -20.56 -3.60
N GLU B 155 8.43 -21.31 -3.19
CA GLU B 155 8.94 -22.35 -4.04
C GLU B 155 9.18 -21.78 -5.48
N SER B 156 9.89 -20.65 -5.49
CA SER B 156 10.46 -20.03 -6.69
C SER B 156 11.99 -20.19 -6.75
N GLU B 157 12.41 -21.29 -7.33
CA GLU B 157 13.85 -21.68 -7.26
C GLU B 157 14.74 -20.73 -8.01
N GLY B 158 14.18 -20.05 -9.01
CA GLY B 158 14.92 -19.10 -9.84
C GLY B 158 15.15 -17.73 -9.24
N ALA B 159 14.53 -17.42 -8.11
CA ALA B 159 14.55 -16.05 -7.58
C ALA B 159 15.93 -15.56 -7.29
N PHE B 160 16.77 -16.39 -6.71
CA PHE B 160 18.12 -15.94 -6.38
C PHE B 160 18.80 -15.52 -7.69
N LYS B 161 18.80 -16.39 -8.68
CA LYS B 161 19.45 -16.08 -9.98
C LYS B 161 18.83 -14.84 -10.65
N GLU B 162 17.50 -14.80 -10.72
CA GLU B 162 16.84 -13.70 -11.39
C GLU B 162 17.22 -12.35 -10.78
N CYS B 163 17.13 -12.26 -9.45
CA CYS B 163 17.48 -11.03 -8.76
C CYS B 163 18.93 -10.66 -8.84
N TYR B 164 19.85 -11.56 -8.49
CA TYR B 164 21.25 -11.14 -8.31
C TYR B 164 22.07 -11.17 -9.59
N LEU B 165 21.76 -12.08 -10.52
CA LEU B 165 22.51 -12.23 -11.75
C LEU B 165 21.84 -11.55 -12.92
N GLU B 166 20.53 -11.60 -13.02
CA GLU B 166 19.83 -11.10 -14.23
C GLU B 166 19.17 -9.71 -14.08
N GLY B 167 19.05 -9.17 -12.86
CA GLY B 167 18.34 -7.89 -12.60
C GLY B 167 16.81 -7.92 -12.73
N ASP B 168 16.25 -9.13 -12.74
CA ASP B 168 14.81 -9.42 -12.86
C ASP B 168 14.21 -9.57 -11.48
N GLN B 169 13.41 -8.60 -11.09
CA GLN B 169 12.80 -8.66 -9.74
C GLN B 169 11.33 -9.08 -9.70
N THR B 170 10.91 -9.82 -10.69
CA THR B 170 9.62 -10.36 -10.68
C THR B 170 9.28 -11.04 -9.36
N SER B 171 10.22 -11.81 -8.81
CA SER B 171 9.93 -12.59 -7.62
C SER B 171 9.72 -11.68 -6.43
N LEU B 172 10.29 -10.48 -6.42
CA LEU B 172 10.10 -9.55 -5.29
C LEU B 172 8.69 -8.95 -5.36
N TYR B 173 8.16 -8.73 -6.56
CA TYR B 173 6.79 -8.25 -6.72
C TYR B 173 5.87 -9.31 -6.16
N HIS B 174 6.14 -10.58 -6.44
CA HIS B 174 5.26 -11.67 -5.98
C HIS B 174 5.40 -11.79 -4.44
N ALA B 175 6.59 -11.56 -3.90
CA ALA B 175 6.77 -11.60 -2.45
C ALA B 175 5.96 -10.48 -1.84
N ALA B 176 6.01 -9.29 -2.43
CA ALA B 176 5.18 -8.18 -1.88
C ALA B 176 3.70 -8.47 -1.94
N LYS B 177 3.24 -9.01 -3.06
CA LYS B 177 1.82 -9.50 -3.20
C LYS B 177 1.49 -10.53 -2.12
N GLY B 178 2.38 -11.49 -1.93
CA GLY B 178 2.21 -12.47 -0.86
C GLY B 178 2.00 -11.83 0.48
N LEU B 179 2.79 -10.82 0.76
CA LEU B 179 2.61 -10.05 2.01
C LEU B 179 1.34 -9.28 2.06
N MET B 180 0.83 -8.78 0.92
CA MET B 180 -0.51 -8.16 0.96
C MET B 180 -1.59 -9.18 1.22
N THR B 181 -1.53 -10.35 0.61
CA THR B 181 -2.50 -11.41 0.98
C THR B 181 -2.47 -11.77 2.50
N LEU B 182 -1.25 -11.97 3.05
CA LEU B 182 -1.15 -12.22 4.48
C LEU B 182 -1.70 -11.08 5.32
N GLN B 183 -1.49 -9.83 4.92
CA GLN B 183 -2.11 -8.72 5.69
C GLN B 183 -3.62 -8.62 5.58
N ALA B 184 -4.18 -8.97 4.44
CA ALA B 184 -5.63 -9.10 4.29
C ALA B 184 -6.20 -10.20 5.19
N LEU B 185 -5.45 -11.26 5.48
CA LEU B 185 -6.00 -12.34 6.35
C LEU B 185 -5.62 -12.24 7.82
N TYR B 186 -4.45 -11.68 8.11
CA TYR B 186 -3.92 -11.71 9.46
C TYR B 186 -3.62 -10.31 9.99
N GLY B 187 -4.01 -9.27 9.24
CA GLY B 187 -3.95 -7.89 9.70
C GLY B 187 -2.64 -7.24 9.31
N THR B 188 -2.62 -5.93 9.43
CA THR B 188 -1.45 -5.15 9.04
C THR B 188 -0.24 -5.47 9.92
N ILE B 189 0.94 -5.49 9.32
CA ILE B 189 2.17 -5.63 10.05
C ILE B 189 2.71 -4.25 10.37
N PRO B 190 2.74 -3.85 11.63
CA PRO B 190 3.09 -2.45 11.96
C PRO B 190 4.53 -2.02 11.82
N GLN B 191 5.48 -2.96 11.98
CA GLN B 191 6.90 -2.68 11.93
C GLN B 191 7.58 -3.54 10.89
N ILE B 192 8.43 -2.91 10.08
CA ILE B 192 9.19 -3.61 9.09
C ILE B 192 10.65 -3.29 9.28
N PHE B 193 11.48 -4.31 9.34
CA PHE B 193 12.94 -4.15 9.41
C PHE B 193 13.51 -4.91 8.23
N GLY B 194 14.65 -4.46 7.72
CA GLY B 194 15.38 -5.25 6.73
C GLY B 194 16.88 -5.01 6.60
N LYS B 195 17.54 -5.99 5.96
CA LYS B 195 18.90 -5.90 5.52
C LYS B 195 19.02 -6.53 4.14
N GLY B 196 19.45 -5.73 3.14
CA GLY B 196 19.68 -6.20 1.76
C GLY B 196 19.00 -5.38 0.67
N GLU B 197 19.56 -5.42 -0.54
CA GLU B 197 18.99 -4.78 -1.70
C GLU B 197 17.57 -5.28 -1.96
N CYS B 198 17.41 -6.58 -2.05
CA CYS B 198 16.11 -7.14 -2.36
C CYS B 198 15.09 -6.74 -1.32
N ALA B 199 15.49 -6.79 -0.06
CA ALA B 199 14.69 -6.39 1.04
C ALA B 199 14.16 -4.98 0.96
N ARG B 200 15.04 -4.05 0.57
CA ARG B 200 14.65 -2.64 0.39
C ARG B 200 13.52 -2.51 -0.63
N GLN B 201 13.59 -3.32 -1.67
CA GLN B 201 12.57 -3.28 -2.72
C GLN B 201 11.24 -3.86 -2.26
N VAL B 202 11.32 -4.97 -1.57
CA VAL B 202 10.08 -5.59 -1.11
C VAL B 202 9.36 -4.64 -0.17
N ALA B 203 10.09 -4.07 0.79
CA ALA B 203 9.50 -3.08 1.66
C ALA B 203 8.87 -1.96 0.84
N ASN B 204 9.61 -1.43 -0.14
CA ASN B 204 9.09 -0.27 -0.87
C ASN B 204 7.81 -0.67 -1.59
N MET B 205 7.73 -1.89 -2.13
CA MET B 205 6.52 -2.34 -2.81
C MET B 205 5.34 -2.59 -1.89
N MET B 206 5.56 -3.24 -0.75
CA MET B 206 4.52 -3.38 0.29
C MET B 206 3.81 -2.08 0.56
N ILE B 207 4.61 -1.04 0.77
CA ILE B 207 4.14 0.21 1.26
C ILE B 207 3.36 0.83 0.11
N ARG B 208 3.95 0.84 -1.10
CA ARG B 208 3.21 1.40 -2.24
C ARG B 208 1.91 0.65 -2.49
N MET B 209 1.91 -0.68 -2.38
CA MET B 209 0.74 -1.46 -2.72
C MET B 209 -0.41 -1.13 -1.76
N LYS B 210 -0.03 -0.93 -0.50
CA LYS B 210 -0.98 -0.55 0.52
C LYS B 210 -1.50 0.84 0.29
N ARG B 211 -0.60 1.77 -0.04
CA ARG B 211 -1.00 3.14 -0.31
C ARG B 211 -1.93 3.25 -1.54
N GLU B 212 -1.76 2.40 -2.53
CA GLU B 212 -2.52 2.44 -3.76
C GLU B 212 -3.77 1.58 -3.71
N PHE B 213 -3.93 0.78 -2.70
CA PHE B 213 -5.13 -0.04 -2.60
C PHE B 213 -6.38 0.84 -2.36
N THR B 214 -7.52 0.49 -2.92
CA THR B 214 -8.75 1.25 -2.62
C THR B 214 -9.99 0.37 -2.44
N GLY B 215 -9.77 -0.93 -2.20
CA GLY B 215 -10.83 -1.89 -1.90
C GLY B 215 -11.28 -1.84 -0.44
N SER B 216 -12.14 -2.80 -0.07
CA SER B 216 -12.68 -2.95 1.30
C SER B 216 -11.62 -3.34 2.34
N GLN B 217 -11.64 -2.62 3.44
CA GLN B 217 -10.76 -2.88 4.57
C GLN B 217 -11.48 -3.72 5.60
N ASN B 218 -11.18 -5.00 5.64
CA ASN B 218 -11.60 -5.82 6.77
C ASN B 218 -10.79 -5.39 8.04
N SER B 219 -11.47 -5.14 9.14
CA SER B 219 -10.78 -4.82 10.38
C SER B 219 -10.32 -6.12 11.11
N ILE B 220 -9.01 -6.33 11.14
CA ILE B 220 -8.39 -7.55 11.62
C ILE B 220 -7.27 -7.24 12.58
N PHE B 221 -7.34 -7.83 13.74
CA PHE B 221 -6.33 -7.61 14.76
C PHE B 221 -5.01 -8.23 14.37
N PRO B 222 -3.94 -7.43 14.32
CA PRO B 222 -2.67 -7.90 13.84
C PRO B 222 -2.16 -9.09 14.60
N VAL B 223 -1.78 -10.11 13.86
CA VAL B 223 -1.15 -11.31 14.37
C VAL B 223 0.38 -11.16 14.42
N PHE B 224 0.96 -10.60 13.37
CA PHE B 224 2.39 -10.32 13.33
C PHE B 224 2.72 -8.95 13.91
N ASP B 225 3.67 -8.89 14.84
CA ASP B 225 4.16 -7.64 15.37
C ASP B 225 5.23 -7.03 14.47
N ASN B 226 5.98 -7.86 13.73
CA ASN B 226 7.12 -7.41 12.97
C ASN B 226 7.31 -8.22 11.73
N LEU B 227 7.90 -7.61 10.70
CA LEU B 227 8.45 -8.33 9.60
C LEU B 227 9.92 -8.03 9.52
N LEU B 228 10.74 -9.07 9.28
CA LEU B 228 12.16 -8.88 9.02
C LEU B 228 12.47 -9.46 7.68
N LEU B 229 12.95 -8.60 6.77
CA LEU B 229 13.27 -8.98 5.41
C LEU B 229 14.76 -9.17 5.29
N LEU B 230 15.17 -10.33 4.76
CA LEU B 230 16.56 -10.63 4.73
C LEU B 230 17.06 -11.18 3.41
N ASP B 231 18.03 -10.50 2.80
CA ASP B 231 18.61 -10.97 1.53
C ASP B 231 19.51 -12.20 1.74
N ARG B 232 19.39 -13.18 0.88
CA ARG B 232 20.25 -14.33 0.93
C ARG B 232 21.71 -13.94 0.79
N ASN B 233 22.00 -12.91 0.00
CA ASN B 233 23.39 -12.56 -0.27
C ASN B 233 24.03 -11.82 0.86
N VAL B 234 23.29 -11.55 1.91
CA VAL B 234 23.89 -11.06 3.14
C VAL B 234 24.63 -12.18 3.86
N ASP B 235 24.16 -13.41 3.68
CA ASP B 235 24.81 -14.58 4.26
C ASP B 235 24.90 -15.70 3.19
N LEU B 236 25.96 -15.60 2.36
CA LEU B 236 26.30 -16.59 1.36
C LEU B 236 26.92 -17.84 1.92
N LEU B 237 27.41 -17.78 3.14
CA LEU B 237 28.13 -18.93 3.72
C LEU B 237 27.17 -20.07 4.07
N THR B 238 26.13 -19.77 4.85
CA THR B 238 25.38 -20.81 5.55
C THR B 238 24.91 -21.98 4.66
N PRO B 239 24.38 -21.67 3.47
CA PRO B 239 23.87 -22.77 2.64
C PRO B 239 24.93 -23.72 2.08
N LEU B 240 26.17 -23.26 2.02
CA LEU B 240 27.29 -24.07 1.48
C LEU B 240 27.73 -25.16 2.44
N ALA B 241 27.66 -24.89 3.74
CA ALA B 241 28.05 -25.87 4.75
C ALA B 241 27.10 -27.07 4.82
N THR B 242 27.63 -28.21 5.18
CA THR B 242 26.82 -29.38 5.45
C THR B 242 26.02 -29.27 6.72
N GLN B 243 24.72 -29.47 6.57
CA GLN B 243 23.79 -29.40 7.72
C GLN B 243 23.89 -30.61 8.61
N LEU B 244 23.71 -30.41 9.91
CA LEU B 244 23.98 -31.48 10.85
C LEU B 244 22.77 -31.81 11.73
N THR B 245 21.60 -31.25 11.43
CA THR B 245 20.36 -31.69 12.10
C THR B 245 19.78 -32.89 11.40
N TYR B 246 18.80 -33.55 12.04
CA TYR B 246 18.15 -34.74 11.44
C TYR B 246 17.50 -34.34 10.11
N GLU B 247 16.66 -33.29 10.13
CA GLU B 247 15.95 -32.87 8.94
C GLU B 247 16.98 -32.32 7.92
N GLY B 248 17.95 -31.57 8.39
CA GLY B 248 19.03 -31.12 7.52
C GLY B 248 19.78 -32.21 6.76
N LEU B 249 20.13 -33.27 7.47
CA LEU B 249 20.79 -34.36 6.81
C LEU B 249 19.88 -35.17 5.86
N ILE B 250 18.60 -35.30 6.18
CA ILE B 250 17.72 -36.00 5.26
C ILE B 250 17.75 -35.20 3.97
N ASP B 251 17.66 -33.88 4.12
CA ASP B 251 17.66 -33.02 2.97
C ASP B 251 19.01 -33.11 2.22
N GLU B 252 20.11 -33.07 2.94
CA GLU B 252 21.40 -33.09 2.26
C GLU B 252 21.56 -34.37 1.46
N ILE B 253 21.11 -35.47 2.02
CA ILE B 253 21.47 -36.80 1.46
C ILE B 253 20.44 -37.27 0.47
N TYR B 254 19.15 -37.19 0.81
CA TYR B 254 18.05 -37.66 -0.09
C TYR B 254 17.23 -36.57 -0.76
N GLY B 255 17.21 -35.37 -0.20
CA GLY B 255 16.44 -34.21 -0.70
C GLY B 255 14.98 -34.27 -0.28
N ILE B 256 14.44 -33.20 0.33
CA ILE B 256 13.03 -33.14 0.69
C ILE B 256 12.34 -32.24 -0.32
N GLN B 257 11.33 -32.73 -1.00
CA GLN B 257 10.59 -31.93 -2.00
C GLN B 257 9.13 -31.88 -1.58
N ASN B 258 8.59 -30.68 -1.39
CA ASN B 258 7.15 -30.53 -1.11
C ASN B 258 6.72 -31.36 0.11
N SER B 259 7.66 -31.37 1.08
CA SER B 259 7.60 -32.10 2.37
C SER B 259 7.55 -33.64 2.27
N TYR B 260 7.92 -34.19 1.13
CA TYR B 260 8.09 -35.63 0.94
C TYR B 260 9.56 -36.00 0.63
N VAL B 261 9.96 -37.16 1.09
CA VAL B 261 11.28 -37.70 0.78
C VAL B 261 11.11 -39.07 0.17
N LYS B 262 11.96 -39.37 -0.79
CA LYS B 262 12.02 -40.72 -1.40
C LYS B 262 13.23 -41.45 -0.88
N LEU B 263 13.00 -42.58 -0.25
CA LEU B 263 14.08 -43.33 0.35
C LEU B 263 14.30 -44.69 -0.31
N PRO B 264 15.49 -45.26 -0.15
CA PRO B 264 15.68 -46.67 -0.56
C PRO B 264 14.78 -47.60 0.25
N PRO B 265 14.16 -48.58 -0.39
CA PRO B 265 13.04 -49.31 0.25
C PRO B 265 13.38 -50.50 1.12
N GLU B 266 14.65 -50.92 1.16
CA GLU B 266 15.01 -52.23 1.78
C GLU B 266 14.59 -52.32 3.22
N LYS B 267 14.82 -51.27 3.99
CA LYS B 267 14.58 -51.36 5.43
C LYS B 267 13.11 -51.24 5.78
N PHE B 268 12.30 -50.86 4.79
CA PHE B 268 10.88 -50.61 4.99
C PHE B 268 10.09 -51.82 4.43
N ALA B 269 8.85 -51.96 4.90
CA ALA B 269 7.97 -53.08 4.49
C ALA B 269 7.39 -52.88 3.08
N THR B 282 11.91 -52.74 -7.58
CA THR B 282 10.76 -52.19 -6.86
C THR B 282 11.05 -50.76 -6.35
N GLU B 283 9.98 -50.00 -6.22
CA GLU B 283 10.03 -48.54 -6.06
C GLU B 283 10.42 -48.02 -4.63
N ALA B 284 10.81 -46.75 -4.61
CA ALA B 284 11.23 -46.05 -3.41
C ALA B 284 10.09 -45.88 -2.40
N LYS B 285 10.43 -45.94 -1.13
CA LYS B 285 9.53 -45.64 -0.03
C LYS B 285 9.41 -44.12 0.04
N LYS B 286 8.18 -43.62 -0.14
CA LYS B 286 7.87 -42.16 -0.13
C LYS B 286 7.21 -41.79 1.19
N LEU B 287 7.75 -40.82 1.93
CA LEU B 287 7.21 -40.45 3.24
C LEU B 287 7.03 -38.97 3.38
N GLN B 288 5.97 -38.59 4.09
CA GLN B 288 5.79 -37.20 4.40
C GLN B 288 6.50 -36.79 5.69
N LEU B 289 7.19 -35.65 5.67
CA LEU B 289 7.91 -35.14 6.82
C LEU B 289 7.45 -33.75 7.28
N ASN B 290 6.65 -33.72 8.34
CA ASN B 290 6.18 -32.46 8.88
C ASN B 290 5.73 -32.66 10.31
N SER B 291 5.27 -31.57 10.97
CA SER B 291 4.94 -31.57 12.40
C SER B 291 3.69 -32.31 12.79
N ALA B 292 2.96 -32.86 11.84
CA ALA B 292 1.77 -33.64 12.22
C ALA B 292 2.16 -34.93 12.90
N GLU B 293 3.36 -35.43 12.63
CA GLU B 293 3.89 -36.66 13.28
C GLU B 293 4.62 -36.30 14.59
N GLU B 294 4.07 -36.70 15.72
CA GLU B 294 4.67 -36.33 17.04
C GLU B 294 6.16 -36.59 17.12
N LEU B 295 6.57 -37.75 16.64
CA LEU B 295 7.91 -38.12 16.88
C LEU B 295 8.83 -37.27 16.01
N TYR B 296 8.44 -37.04 14.77
CA TYR B 296 9.21 -36.15 13.89
C TYR B 296 9.30 -34.72 14.46
N ALA B 297 8.20 -34.24 14.99
CA ALA B 297 8.20 -32.89 15.58
C ALA B 297 9.29 -32.82 16.66
N GLU B 298 9.47 -33.92 17.36
CA GLU B 298 10.38 -33.93 18.49
C GLU B 298 11.86 -34.00 18.07
N ILE B 299 12.19 -34.70 16.96
CA ILE B 299 13.59 -34.92 16.57
C ILE B 299 14.07 -34.17 15.37
N ARG B 300 13.16 -33.63 14.54
CA ARG B 300 13.60 -33.01 13.33
C ARG B 300 14.62 -31.87 13.50
N ASP B 301 14.45 -31.02 14.52
CA ASP B 301 15.31 -29.88 14.73
C ASP B 301 16.57 -30.21 15.58
N LYS B 302 16.68 -31.46 16.05
CA LYS B 302 17.82 -31.86 16.84
C LYS B 302 19.09 -32.11 16.04
N ASN B 303 20.23 -31.82 16.64
CA ASN B 303 21.52 -32.30 16.06
C ASN B 303 21.43 -33.81 15.89
N PHE B 304 21.89 -34.32 14.76
CA PHE B 304 21.73 -35.75 14.52
C PHE B 304 22.31 -36.63 15.63
N ASN B 305 23.32 -36.14 16.36
CA ASN B 305 23.89 -36.97 17.42
C ASN B 305 23.01 -37.12 18.66
N ALA B 306 21.94 -36.35 18.77
CA ALA B 306 20.97 -36.47 19.88
C ALA B 306 19.78 -37.34 19.54
N VAL B 307 19.72 -37.82 18.30
CA VAL B 307 18.54 -38.55 17.90
C VAL B 307 18.43 -39.96 18.46
N GLY B 308 19.51 -40.73 18.31
CA GLY B 308 19.65 -42.03 18.97
C GLY B 308 19.01 -42.14 20.34
N SER B 309 19.34 -41.26 21.28
CA SER B 309 18.78 -41.39 22.65
C SER B 309 17.29 -41.24 22.65
N VAL B 310 16.77 -40.25 21.88
CA VAL B 310 15.34 -40.11 21.82
C VAL B 310 14.65 -41.42 21.37
N LEU B 311 15.17 -42.02 20.29
CA LEU B 311 14.64 -43.29 19.77
C LEU B 311 14.67 -44.46 20.74
N SER B 312 15.77 -44.61 21.48
CA SER B 312 15.84 -45.61 22.56
C SER B 312 14.77 -45.46 23.59
N LYS B 313 14.55 -44.23 24.06
CA LYS B 313 13.49 -43.99 25.03
C LYS B 313 12.15 -44.40 24.47
N LYS B 314 11.85 -44.05 23.21
CA LYS B 314 10.53 -44.41 22.70
C LYS B 314 10.40 -45.89 22.53
N ALA B 315 11.47 -46.53 22.10
CA ALA B 315 11.47 -47.98 21.99
C ALA B 315 11.09 -48.62 23.30
N LYS B 316 11.68 -48.19 24.40
CA LYS B 316 11.33 -48.74 25.68
C LYS B 316 9.90 -48.49 26.10
N ILE B 317 9.38 -47.31 25.84
CA ILE B 317 8.01 -47.04 26.22
C ILE B 317 7.01 -47.92 25.45
N ILE B 318 7.20 -47.97 24.15
CA ILE B 318 6.31 -48.71 23.24
C ILE B 318 6.43 -50.21 23.50
N SER B 319 7.65 -50.64 23.55
CA SER B 319 7.92 -52.03 23.90
C SER B 319 7.23 -52.49 25.18
N ALA B 320 7.29 -51.70 26.24
CA ALA B 320 6.60 -52.02 27.49
C ALA B 320 5.07 -51.99 27.40
N ALA B 321 4.51 -51.08 26.61
CA ALA B 321 3.05 -51.03 26.41
C ALA B 321 2.56 -52.32 25.77
N PHE B 322 3.24 -52.77 24.71
CA PHE B 322 2.91 -54.05 24.05
C PHE B 322 3.19 -55.23 24.94
N GLU B 323 4.34 -55.27 25.60
CA GLU B 323 4.64 -56.39 26.54
C GLU B 323 3.55 -56.60 27.59
N GLU B 324 2.85 -55.53 27.92
CA GLU B 324 1.85 -55.49 28.96
C GLU B 324 0.40 -55.82 28.48
N ARG B 325 0.04 -55.33 27.30
CA ARG B 325 -1.22 -55.71 26.63
C ARG B 325 -1.21 -57.21 26.24
N HIS B 326 -0.03 -57.75 25.91
CA HIS B 326 0.15 -59.19 25.65
C HIS B 326 -0.14 -60.04 26.90
N ASN B 327 0.16 -59.51 28.10
CA ASN B 327 -0.13 -60.21 29.38
C ASN B 327 -1.49 -59.90 30.07
N ALA B 328 -2.34 -59.09 29.44
CA ALA B 328 -3.66 -58.71 30.02
C ALA B 328 -4.66 -59.87 30.15
N LYS B 329 -5.19 -60.13 31.36
CA LYS B 329 -6.18 -61.23 31.64
C LYS B 329 -7.60 -60.79 32.15
N THR B 330 -7.67 -59.66 32.87
CA THR B 330 -8.89 -59.12 33.52
C THR B 330 -9.81 -58.38 32.53
N VAL B 331 -11.02 -57.99 32.95
CA VAL B 331 -11.83 -57.02 32.18
C VAL B 331 -11.24 -55.60 32.28
N GLY B 332 -10.66 -55.27 33.43
CA GLY B 332 -10.06 -53.94 33.68
C GLY B 332 -8.89 -53.59 32.75
N GLU B 333 -7.89 -54.46 32.74
CA GLU B 333 -6.63 -54.25 31.97
C GLU B 333 -6.72 -54.62 30.47
N ILE B 334 -7.85 -55.21 30.06
CA ILE B 334 -8.19 -55.38 28.63
C ILE B 334 -8.84 -54.12 28.03
N LYS B 335 -9.82 -53.53 28.72
CA LYS B 335 -10.65 -52.44 28.18
C LYS B 335 -9.80 -51.24 27.76
N GLN B 336 -9.02 -50.82 28.77
CA GLN B 336 -7.97 -49.80 28.71
C GLN B 336 -7.00 -49.97 27.53
N PHE B 337 -6.49 -51.20 27.33
CA PHE B 337 -5.48 -51.41 26.27
C PHE B 337 -6.03 -51.35 24.85
N VAL B 338 -7.00 -52.20 24.55
CA VAL B 338 -7.49 -52.37 23.18
C VAL B 338 -8.09 -51.07 22.59
N SER B 339 -8.68 -50.24 23.45
CA SER B 339 -9.12 -48.90 23.00
C SER B 339 -7.96 -47.93 22.63
N GLN B 340 -6.75 -48.15 23.18
CA GLN B 340 -5.52 -47.35 22.91
C GLN B 340 -4.59 -47.91 21.80
N LEU B 341 -4.99 -49.05 21.22
CA LEU B 341 -4.16 -49.83 20.28
C LEU B 341 -3.86 -49.09 18.98
N PRO B 342 -4.84 -48.34 18.44
CA PRO B 342 -4.56 -47.59 17.20
C PRO B 342 -3.41 -46.63 17.32
N HIS B 343 -3.35 -46.00 18.48
CA HIS B 343 -2.30 -45.05 18.76
C HIS B 343 -0.99 -45.79 18.99
N MET B 344 -0.99 -46.84 19.79
CA MET B 344 0.19 -47.69 19.96
C MET B 344 0.76 -48.15 18.60
N GLN B 345 -0.13 -48.56 17.69
CA GLN B 345 0.33 -49.08 16.41
C GLN B 345 0.95 -48.02 15.52
N ALA B 346 0.33 -46.86 15.50
CA ALA B 346 0.88 -45.77 14.78
C ALA B 346 2.26 -45.31 15.39
N ALA B 347 2.35 -45.28 16.71
CA ALA B 347 3.59 -44.90 17.38
C ALA B 347 4.71 -45.90 17.06
N ARG B 348 4.39 -47.21 17.08
CA ARG B 348 5.32 -48.25 16.65
C ARG B 348 5.76 -48.08 15.18
N GLY B 349 4.81 -47.75 14.27
CA GLY B 349 5.14 -47.61 12.88
C GLY B 349 5.99 -46.38 12.68
N SER B 350 5.63 -45.29 13.33
CA SER B 350 6.42 -44.07 13.25
C SER B 350 7.86 -44.27 13.74
N LEU B 351 7.99 -44.96 14.86
CA LEU B 351 9.29 -45.29 15.40
C LEU B 351 10.08 -46.18 14.46
N ALA B 352 9.46 -47.17 13.82
CA ALA B 352 10.22 -48.03 12.91
C ALA B 352 10.75 -47.16 11.71
N ASN B 353 9.93 -46.25 11.17
CA ASN B 353 10.38 -45.48 10.04
C ASN B 353 11.52 -44.60 10.38
N HIS B 354 11.46 -43.88 11.49
CA HIS B 354 12.57 -43.02 11.83
C HIS B 354 13.80 -43.73 12.36
N THR B 355 13.63 -44.91 12.97
CA THR B 355 14.79 -45.74 13.31
C THR B 355 15.56 -46.18 12.05
N SER B 356 14.82 -46.51 10.98
CA SER B 356 15.43 -46.91 9.73
C SER B 356 16.12 -45.72 9.03
N ILE B 357 15.48 -44.56 9.03
CA ILE B 357 16.07 -43.38 8.45
C ILE B 357 17.34 -43.00 9.19
N ALA B 358 17.31 -42.96 10.51
CA ALA B 358 18.54 -42.74 11.30
C ALA B 358 19.66 -43.73 10.95
N GLU B 359 19.36 -44.99 10.69
CA GLU B 359 20.41 -45.93 10.27
C GLU B 359 21.01 -45.54 8.92
N LEU B 360 20.18 -45.14 7.98
CA LEU B 360 20.68 -44.70 6.69
C LEU B 360 21.59 -43.48 6.81
N ILE B 361 21.25 -42.57 7.69
CA ILE B 361 22.06 -41.38 7.89
C ILE B 361 23.37 -41.72 8.55
N LYS B 362 23.31 -42.63 9.49
CA LYS B 362 24.49 -43.14 10.20
C LYS B 362 25.52 -43.79 9.24
N ASP B 363 25.03 -44.56 8.26
CA ASP B 363 25.88 -45.14 7.22
C ASP B 363 26.70 -44.02 6.53
N VAL B 364 26.09 -42.87 6.33
CA VAL B 364 26.80 -41.78 5.74
C VAL B 364 27.66 -41.03 6.76
N THR B 365 27.12 -40.69 7.90
CA THR B 365 27.88 -39.84 8.83
C THR B 365 29.03 -40.52 9.53
N THR B 366 29.12 -41.85 9.47
CA THR B 366 30.28 -42.56 10.06
C THR B 366 31.29 -42.93 9.00
N SER B 367 31.07 -42.53 7.75
CA SER B 367 32.03 -42.85 6.71
C SER B 367 33.28 -41.96 6.84
N GLU B 368 34.39 -42.43 6.26
CA GLU B 368 35.61 -41.63 6.28
C GLU B 368 35.46 -40.34 5.45
N ASP B 369 34.83 -40.46 4.28
CA ASP B 369 34.68 -39.29 3.41
C ASP B 369 33.93 -38.17 4.13
N PHE B 370 32.93 -38.52 4.94
CA PHE B 370 32.19 -37.52 5.67
C PHE B 370 33.08 -36.84 6.72
N PHE B 371 33.78 -37.63 7.49
CA PHE B 371 34.65 -37.06 8.50
C PHE B 371 35.63 -36.04 7.89
N ASP B 372 36.21 -36.38 6.72
CA ASP B 372 37.19 -35.52 6.06
C ASP B 372 36.56 -34.23 5.53
N LYS B 373 35.39 -34.33 4.88
CA LYS B 373 34.68 -33.18 4.35
C LYS B 373 34.41 -32.18 5.47
N LEU B 374 33.96 -32.71 6.60
CA LEU B 374 33.58 -31.89 7.74
C LEU B 374 34.76 -31.24 8.45
N THR B 375 35.85 -31.98 8.58
CA THR B 375 37.08 -31.42 9.07
C THR B 375 37.42 -30.18 8.20
N VAL B 376 37.36 -30.36 6.87
CA VAL B 376 37.68 -29.25 5.95
C VAL B 376 36.70 -28.09 6.17
N GLU B 377 35.40 -28.37 6.25
CA GLU B 377 34.38 -27.29 6.32
C GLU B 377 34.66 -26.49 7.56
N GLN B 378 35.00 -27.21 8.63
CA GLN B 378 35.20 -26.60 9.93
C GLN B 378 36.48 -25.82 10.00
N GLU B 379 37.51 -26.33 9.32
CA GLU B 379 38.72 -25.55 9.15
C GLU B 379 38.38 -24.18 8.53
N PHE B 380 37.68 -24.18 7.41
CA PHE B 380 37.36 -22.92 6.72
C PHE B 380 36.48 -21.98 7.55
N MET B 381 35.45 -22.52 8.21
CA MET B 381 34.58 -21.68 9.02
C MET B 381 35.31 -21.11 10.25
N SER B 382 36.23 -21.84 10.83
CA SER B 382 36.92 -21.29 11.99
C SER B 382 38.18 -20.54 11.56
N GLY B 383 38.31 -20.16 10.29
CA GLY B 383 39.39 -19.24 9.86
C GLY B 383 40.81 -19.79 9.83
N ILE B 384 40.93 -21.09 9.55
CA ILE B 384 42.24 -21.77 9.25
C ILE B 384 42.49 -22.02 7.73
N ASP B 385 43.56 -21.47 7.17
CA ASP B 385 44.05 -21.93 5.86
C ASP B 385 43.04 -21.71 4.76
N THR B 386 42.35 -20.60 4.82
CA THR B 386 41.30 -20.40 3.86
C THR B 386 41.88 -19.84 2.56
N ASP B 387 43.21 -19.80 2.41
CA ASP B 387 43.79 -19.27 1.17
C ASP B 387 44.68 -20.23 0.37
N LYS B 388 45.05 -21.38 0.92
CA LYS B 388 45.84 -22.33 0.15
C LYS B 388 44.96 -23.26 -0.67
N VAL B 389 45.46 -23.80 -1.78
CA VAL B 389 44.82 -24.93 -2.45
C VAL B 389 44.69 -26.06 -1.44
N ASN B 390 43.54 -26.66 -1.33
CA ASN B 390 43.25 -27.59 -0.28
C ASN B 390 43.30 -28.98 -0.84
N ASN B 391 44.07 -29.81 -0.15
CA ASN B 391 44.42 -31.09 -0.69
C ASN B 391 43.23 -32.08 -0.74
N TYR B 392 42.26 -31.94 0.17
CA TYR B 392 41.11 -32.85 0.15
C TYR B 392 40.23 -32.49 -1.06
N ILE B 393 40.12 -31.20 -1.34
CA ILE B 393 39.37 -30.77 -2.51
C ILE B 393 40.03 -31.41 -3.75
N GLU B 394 41.35 -31.28 -3.87
CA GLU B 394 42.09 -31.87 -4.99
C GLU B 394 41.82 -33.37 -5.18
N ASP B 395 41.87 -34.12 -4.08
CA ASP B 395 41.58 -35.57 -4.11
C ASP B 395 40.19 -35.81 -4.66
N CYS B 396 39.20 -35.05 -4.20
CA CYS B 396 37.83 -35.25 -4.69
C CYS B 396 37.75 -34.96 -6.19
N ILE B 397 38.48 -33.94 -6.65
CA ILE B 397 38.47 -33.63 -8.07
C ILE B 397 39.13 -34.76 -8.85
N ALA B 398 40.26 -35.27 -8.34
CA ALA B 398 40.99 -36.39 -9.00
C ALA B 398 40.19 -37.71 -9.03
N GLN B 399 39.41 -37.96 -8.00
CA GLN B 399 38.57 -39.14 -7.98
C GLN B 399 37.25 -38.92 -8.66
N LYS B 400 37.07 -37.75 -9.28
CA LYS B 400 35.85 -37.42 -9.97
C LYS B 400 34.57 -37.65 -9.09
N HIS B 401 34.55 -37.13 -7.88
CA HIS B 401 33.32 -37.06 -7.08
C HIS B 401 32.33 -36.06 -7.71
N SER B 402 31.13 -35.94 -7.12
CA SER B 402 30.13 -34.98 -7.65
C SER B 402 30.71 -33.59 -7.87
N LEU B 403 30.50 -33.06 -9.04
CA LEU B 403 30.85 -31.69 -9.27
C LEU B 403 30.33 -30.73 -8.22
N ILE B 404 29.07 -30.91 -7.83
CA ILE B 404 28.45 -29.97 -6.92
C ILE B 404 29.02 -30.06 -5.52
N LYS B 405 29.42 -31.26 -5.09
CA LYS B 405 30.14 -31.36 -3.79
C LYS B 405 31.45 -30.55 -3.85
N VAL B 406 32.18 -30.65 -4.96
CA VAL B 406 33.38 -29.87 -5.14
C VAL B 406 33.09 -28.36 -5.17
N LEU B 407 32.06 -27.93 -5.89
CA LEU B 407 31.79 -26.49 -5.99
C LEU B 407 31.41 -25.88 -4.65
N ARG B 408 30.66 -26.64 -3.88
CA ARG B 408 30.31 -26.17 -2.51
C ARG B 408 31.50 -25.91 -1.70
N LEU B 409 32.45 -26.83 -1.79
CA LEU B 409 33.64 -26.73 -0.99
C LEU B 409 34.56 -25.58 -1.44
N VAL B 410 34.78 -25.40 -2.75
CA VAL B 410 35.60 -24.22 -3.19
C VAL B 410 34.87 -22.87 -2.95
N CYS B 411 33.53 -22.85 -3.00
CA CYS B 411 32.81 -21.61 -2.72
C CYS B 411 32.89 -21.29 -1.22
N LEU B 412 32.81 -22.30 -0.38
CA LEU B 412 32.96 -22.08 1.05
C LEU B 412 34.32 -21.46 1.35
N GLN B 413 35.34 -22.00 0.69
CA GLN B 413 36.66 -21.45 0.83
C GLN B 413 36.71 -19.99 0.38
N SER B 414 36.08 -19.69 -0.75
CA SER B 414 36.15 -18.31 -1.26
C SER B 414 35.41 -17.36 -0.31
N VAL B 415 34.23 -17.75 0.13
CA VAL B 415 33.48 -16.91 1.00
C VAL B 415 34.20 -16.68 2.34
N CYS B 416 34.84 -17.70 2.90
CA CYS B 416 35.56 -17.53 4.15
C CYS B 416 36.86 -16.74 4.05
N ASN B 417 37.39 -16.64 2.84
CA ASN B 417 38.56 -15.84 2.56
C ASN B 417 38.29 -14.45 1.91
N SER B 418 37.01 -14.10 1.62
CA SER B 418 36.67 -12.93 0.74
C SER B 418 37.33 -13.03 -0.67
N GLY B 419 37.24 -14.20 -1.30
CA GLY B 419 37.82 -14.41 -2.59
C GLY B 419 39.12 -15.16 -2.42
N LEU B 420 39.64 -15.69 -3.53
CA LEU B 420 40.87 -16.42 -3.51
C LEU B 420 41.88 -15.68 -4.38
N LYS B 421 43.17 -15.76 -4.03
CA LYS B 421 44.22 -15.19 -4.86
C LYS B 421 44.17 -15.81 -6.24
N GLN B 422 44.54 -15.04 -7.27
CA GLN B 422 44.46 -15.47 -8.67
C GLN B 422 44.97 -16.89 -8.89
N LYS B 423 46.14 -17.20 -8.37
CA LYS B 423 46.78 -18.49 -8.68
C LYS B 423 45.97 -19.65 -8.15
N VAL B 424 45.43 -19.49 -6.95
CA VAL B 424 44.60 -20.49 -6.35
C VAL B 424 43.28 -20.64 -7.12
N LEU B 425 42.62 -19.55 -7.39
CA LEU B 425 41.35 -19.62 -8.08
C LEU B 425 41.49 -20.30 -9.44
N ASP B 426 42.48 -19.85 -10.20
CA ASP B 426 42.79 -20.37 -11.54
C ASP B 426 43.21 -21.83 -11.54
N TYR B 427 43.85 -22.28 -10.47
CA TYR B 427 44.20 -23.66 -10.37
C TYR B 427 42.93 -24.51 -10.20
N TYR B 428 42.12 -24.14 -9.24
CA TYR B 428 40.80 -24.75 -9.07
C TYR B 428 40.03 -24.78 -10.39
N LYS B 429 40.02 -23.69 -11.13
CA LYS B 429 39.16 -23.65 -12.34
C LYS B 429 39.64 -24.56 -13.48
N ARG B 430 40.93 -24.54 -13.72
CA ARG B 430 41.51 -25.42 -14.74
C ARG B 430 41.20 -26.90 -14.46
N GLU B 431 41.34 -27.32 -13.22
CA GLU B 431 41.07 -28.70 -12.89
C GLU B 431 39.61 -29.07 -13.02
N ILE B 432 38.75 -28.14 -12.65
CA ILE B 432 37.34 -28.41 -12.72
C ILE B 432 36.93 -28.53 -14.18
N LEU B 433 37.36 -27.62 -15.05
CA LEU B 433 37.04 -27.77 -16.48
C LEU B 433 37.59 -29.03 -17.13
N GLN B 434 38.86 -29.37 -16.86
CA GLN B 434 39.48 -30.61 -17.40
C GLN B 434 38.75 -31.87 -16.99
N THR B 435 38.33 -31.94 -15.74
CA THR B 435 37.70 -33.13 -15.20
C THR B 435 36.20 -33.23 -15.54
N TYR B 436 35.49 -32.12 -15.43
CA TYR B 436 34.03 -32.17 -15.58
C TYR B 436 33.46 -31.61 -16.88
N GLY B 437 34.29 -30.92 -17.67
CA GLY B 437 33.87 -30.40 -18.96
C GLY B 437 33.95 -28.88 -19.11
N TYR B 438 34.38 -28.43 -20.28
CA TYR B 438 34.53 -27.02 -20.63
C TYR B 438 33.27 -26.19 -20.53
N GLU B 439 32.12 -26.81 -20.83
CA GLU B 439 30.82 -26.12 -20.73
C GLU B 439 30.58 -25.55 -19.32
N HIS B 440 31.32 -26.02 -18.31
CA HIS B 440 31.15 -25.53 -16.97
C HIS B 440 31.85 -24.18 -16.73
N ILE B 441 32.48 -23.60 -17.72
CA ILE B 441 32.98 -22.26 -17.52
C ILE B 441 31.86 -21.27 -17.26
N LEU B 442 30.66 -21.58 -17.77
CA LEU B 442 29.48 -20.76 -17.51
C LEU B 442 29.05 -20.87 -16.06
N THR B 443 29.11 -22.07 -15.51
CA THR B 443 28.80 -22.32 -14.12
C THR B 443 29.77 -21.50 -13.26
N LEU B 444 31.05 -21.47 -13.62
CA LEU B 444 32.07 -20.73 -12.84
C LEU B 444 31.82 -19.24 -12.91
N HIS B 445 31.54 -18.75 -14.10
CA HIS B 445 31.10 -17.36 -14.28
C HIS B 445 29.86 -17.02 -13.45
N ASN B 446 28.87 -17.89 -13.42
CA ASN B 446 27.71 -17.53 -12.62
C ASN B 446 28.05 -17.50 -11.15
N LEU B 447 28.97 -18.37 -10.70
CA LEU B 447 29.37 -18.40 -9.31
C LEU B 447 30.11 -17.15 -9.00
N GLU B 448 30.86 -16.64 -9.97
CA GLU B 448 31.54 -15.39 -9.70
C GLU B 448 30.53 -14.22 -9.52
N LYS B 449 29.53 -14.20 -10.38
CA LYS B 449 28.58 -13.09 -10.41
C LYS B 449 27.76 -13.11 -9.13
N ALA B 450 27.43 -14.29 -8.62
CA ALA B 450 26.78 -14.45 -7.30
C ALA B 450 27.62 -14.05 -6.09
N GLY B 451 28.92 -13.79 -6.27
CA GLY B 451 29.81 -13.55 -5.13
C GLY B 451 30.26 -14.81 -4.36
N LEU B 452 30.07 -15.99 -4.96
CA LEU B 452 30.43 -17.24 -4.31
C LEU B 452 31.87 -17.75 -4.62
N LEU B 453 32.41 -17.47 -5.81
CA LEU B 453 33.70 -17.96 -6.15
C LEU B 453 34.33 -16.91 -6.99
N LYS B 454 35.21 -16.14 -6.37
CA LYS B 454 35.71 -14.94 -7.00
C LYS B 454 37.16 -14.65 -6.63
N PRO B 455 37.78 -13.71 -7.35
CA PRO B 455 39.08 -13.22 -6.92
C PRO B 455 38.97 -12.30 -5.69
N GLN B 456 39.94 -12.44 -4.80
CA GLN B 456 40.14 -11.52 -3.69
C GLN B 456 40.59 -10.17 -4.23
N THR B 457 40.12 -9.07 -3.65
CA THR B 457 40.64 -7.73 -4.01
C THR B 457 41.41 -7.07 -2.86
N GLY B 458 42.49 -6.37 -3.24
CA GLY B 458 43.52 -5.93 -2.29
C GLY B 458 44.01 -7.18 -1.60
N GLY B 459 44.68 -7.04 -0.47
CA GLY B 459 44.86 -8.17 0.46
C GLY B 459 43.75 -8.26 1.50
N ARG B 460 42.65 -7.50 1.30
CA ARG B 460 41.64 -7.24 2.34
C ARG B 460 40.73 -8.50 2.56
N ASN B 461 40.45 -8.84 3.83
CA ASN B 461 39.53 -9.94 4.18
C ASN B 461 38.76 -9.71 5.48
N ASN B 462 37.45 -9.53 5.35
CA ASN B 462 36.59 -9.15 6.49
C ASN B 462 35.90 -10.24 7.27
N TYR B 463 35.91 -11.47 6.74
CA TYR B 463 35.20 -12.52 7.43
C TYR B 463 35.69 -12.66 8.90
N PRO B 464 37.00 -12.58 9.16
CA PRO B 464 37.41 -12.72 10.58
C PRO B 464 36.80 -11.68 11.56
N THR B 465 36.71 -10.43 11.16
CA THR B 465 36.02 -9.43 11.99
C THR B 465 34.58 -9.80 12.17
N ILE B 466 33.92 -10.22 11.09
CA ILE B 466 32.51 -10.59 11.18
C ILE B 466 32.33 -11.81 12.09
N ARG B 467 33.21 -12.79 11.94
CA ARG B 467 33.11 -14.05 12.68
C ARG B 467 33.32 -13.82 14.16
N LYS B 468 34.41 -13.15 14.47
CA LYS B 468 34.72 -12.89 15.86
C LYS B 468 33.61 -12.02 16.50
N THR B 469 33.19 -10.95 15.85
CA THR B 469 32.24 -10.02 16.45
C THR B 469 30.83 -10.61 16.65
N LEU B 470 30.30 -11.34 15.68
CA LEU B 470 29.00 -12.02 15.85
C LEU B 470 29.05 -13.43 16.47
N ARG B 471 30.22 -13.83 16.97
CA ARG B 471 30.43 -15.13 17.58
C ARG B 471 29.92 -16.21 16.63
N LEU B 472 30.39 -16.22 15.40
CA LEU B 472 29.90 -17.19 14.39
C LEU B 472 30.53 -18.61 14.45
N TRP B 473 31.71 -18.76 15.06
CA TRP B 473 32.29 -20.06 15.26
C TRP B 473 32.56 -20.26 16.73
N MET B 474 32.17 -21.41 17.28
CA MET B 474 32.48 -21.76 18.67
C MET B 474 32.98 -23.23 18.80
N ASP B 475 34.01 -23.45 19.61
CA ASP B 475 34.48 -24.81 19.85
C ASP B 475 33.70 -25.42 21.02
N ASP B 476 33.65 -26.74 21.01
CA ASP B 476 32.99 -27.52 22.11
C ASP B 476 31.53 -27.09 22.39
N VAL B 477 30.72 -27.17 21.36
CA VAL B 477 29.33 -26.84 21.45
C VAL B 477 28.50 -27.98 22.03
N ASN B 478 27.57 -27.66 22.91
CA ASN B 478 26.62 -28.69 23.35
C ASN B 478 25.60 -29.08 22.27
N GLU B 479 25.68 -30.32 21.82
CA GLU B 479 24.78 -30.92 20.85
C GLU B 479 23.54 -31.59 21.47
N GLN B 480 23.60 -31.93 22.73
CA GLN B 480 22.55 -32.76 23.34
C GLN B 480 21.50 -31.90 23.99
N ASN B 481 21.95 -30.90 24.73
CA ASN B 481 21.10 -29.87 25.32
C ASN B 481 21.63 -28.52 24.90
N PRO B 482 21.23 -28.07 23.75
CA PRO B 482 21.85 -26.88 23.20
C PRO B 482 21.56 -25.59 23.98
N THR B 483 22.54 -24.69 23.94
CA THR B 483 22.42 -23.36 24.52
C THR B 483 22.61 -22.27 23.47
N ASP B 484 22.93 -22.62 22.22
CA ASP B 484 23.15 -21.59 21.23
C ASP B 484 22.81 -22.08 19.86
N ILE B 485 22.45 -21.17 18.98
CA ILE B 485 22.09 -21.58 17.62
C ILE B 485 23.19 -22.33 16.88
N SER B 486 24.43 -22.28 17.36
CA SER B 486 25.51 -22.99 16.70
C SER B 486 25.32 -24.51 16.69
N TYR B 487 24.41 -25.04 17.50
CA TYR B 487 24.26 -26.49 17.60
C TYR B 487 23.92 -27.07 16.22
N VAL B 488 23.26 -26.30 15.36
CA VAL B 488 22.73 -26.87 14.13
C VAL B 488 23.80 -27.15 13.10
N TYR B 489 24.94 -26.48 13.22
CA TYR B 489 26.19 -26.83 12.44
C TYR B 489 27.36 -27.22 13.36
N SER B 490 27.08 -27.77 14.54
CA SER B 490 28.11 -28.17 15.49
C SER B 490 29.24 -27.18 15.60
N GLY B 491 28.92 -25.90 15.63
CA GLY B 491 29.91 -24.89 15.95
C GLY B 491 29.69 -23.60 15.25
N TYR B 492 29.14 -23.67 14.04
CA TYR B 492 28.91 -22.48 13.21
C TYR B 492 27.51 -21.98 13.46
N ALA B 493 27.41 -20.74 13.91
CA ALA B 493 26.11 -20.06 14.08
C ALA B 493 25.71 -19.39 12.78
N PRO B 494 24.62 -19.81 12.15
CA PRO B 494 24.25 -19.13 10.90
C PRO B 494 24.18 -17.63 11.06
N LEU B 495 24.88 -16.89 10.21
CA LEU B 495 24.90 -15.41 10.28
C LEU B 495 23.49 -14.81 10.20
N SER B 496 22.69 -15.27 9.25
CA SER B 496 21.36 -14.82 9.09
C SER B 496 20.58 -14.85 10.40
N VAL B 497 20.63 -15.96 11.11
CA VAL B 497 19.83 -16.12 12.35
C VAL B 497 20.45 -15.26 13.45
N ARG B 498 21.77 -15.13 13.40
CA ARG B 498 22.44 -14.32 14.40
C ARG B 498 21.97 -12.84 14.29
N LEU B 499 21.80 -12.38 13.06
CA LEU B 499 21.31 -11.04 12.81
C LEU B 499 19.87 -10.86 13.32
N ALA B 500 19.04 -11.86 13.12
CA ALA B 500 17.68 -11.80 13.63
C ALA B 500 17.70 -11.69 15.14
N GLN B 501 18.50 -12.52 15.74
CA GLN B 501 18.60 -12.63 17.19
C GLN B 501 19.02 -11.29 17.81
N LEU B 502 20.01 -10.66 17.20
CA LEU B 502 20.50 -9.42 17.68
C LEU B 502 19.57 -8.22 17.39
N LEU B 503 18.71 -8.30 16.37
CA LEU B 503 17.68 -7.27 16.16
C LEU B 503 16.68 -7.24 17.34
N SER B 504 16.23 -8.43 17.72
CA SER B 504 15.37 -8.61 18.83
C SER B 504 16.02 -8.20 20.17
N ARG B 505 17.30 -8.55 20.39
CA ARG B 505 18.01 -8.20 21.65
C ARG B 505 19.56 -8.23 21.55
N PRO B 506 20.22 -7.09 21.82
CA PRO B 506 19.76 -5.78 22.30
C PRO B 506 19.34 -4.76 21.22
N GLY B 507 19.37 -5.14 19.95
CA GLY B 507 19.08 -4.24 18.85
C GLY B 507 20.27 -4.04 17.91
N TRP B 508 19.97 -3.57 16.71
CA TRP B 508 21.03 -3.46 15.71
C TRP B 508 21.99 -2.30 15.93
N ARG B 509 21.68 -1.39 16.86
CA ARG B 509 22.64 -0.30 17.17
C ARG B 509 23.96 -0.90 17.68
N SER B 510 23.87 -1.96 18.46
CA SER B 510 25.07 -2.57 19.01
C SER B 510 26.03 -3.18 17.96
N ILE B 511 25.63 -3.32 16.70
CA ILE B 511 26.51 -3.94 15.66
C ILE B 511 26.61 -3.13 14.36
N GLU B 512 26.29 -1.85 14.48
CA GLU B 512 26.43 -0.90 13.40
C GLU B 512 27.68 -1.17 12.55
N GLU B 513 28.85 -1.24 13.19
CA GLU B 513 30.11 -1.35 12.43
C GLU B 513 30.10 -2.56 11.51
N VAL B 514 29.53 -3.68 11.99
CA VAL B 514 29.51 -4.89 11.20
C VAL B 514 28.47 -4.87 10.06
N LEU B 515 27.28 -4.38 10.36
CA LEU B 515 26.26 -4.22 9.33
C LEU B 515 26.73 -3.38 8.16
N ARG B 516 27.50 -2.32 8.43
CA ARG B 516 28.03 -1.50 7.34
C ARG B 516 28.97 -2.23 6.41
N ILE B 517 29.56 -3.37 6.82
CA ILE B 517 30.37 -4.15 5.86
C ILE B 517 29.65 -5.35 5.26
N LEU B 518 28.38 -5.53 5.58
CA LEU B 518 27.54 -6.52 4.89
C LEU B 518 26.72 -5.85 3.77
N PRO B 519 26.33 -6.61 2.73
CA PRO B 519 25.69 -6.00 1.56
C PRO B 519 24.32 -5.37 1.77
N GLY B 520 24.10 -4.23 1.13
CA GLY B 520 22.83 -3.58 1.14
C GLY B 520 22.62 -2.72 2.36
N PRO B 521 21.50 -2.01 2.38
CA PRO B 521 21.17 -1.16 3.51
C PRO B 521 20.42 -1.92 4.56
N HIS B 522 20.52 -1.42 5.79
CA HIS B 522 19.69 -1.81 6.92
C HIS B 522 18.69 -0.69 7.14
N PHE B 523 17.42 -1.02 7.34
CA PHE B 523 16.40 0.04 7.37
C PHE B 523 15.25 -0.40 8.24
N GLU B 524 14.36 0.55 8.50
CA GLU B 524 13.20 0.33 9.37
C GLU B 524 12.05 1.15 8.83
N GLU B 525 10.82 0.64 8.89
CA GLU B 525 9.65 1.43 8.46
C GLU B 525 8.47 1.07 9.32
N ARG B 526 7.50 1.98 9.45
CA ARG B 526 6.24 1.69 10.13
C ARG B 526 5.04 1.77 9.23
N GLN B 527 3.99 1.05 9.64
CA GLN B 527 2.73 1.05 8.95
C GLN B 527 1.66 1.36 9.97
N PRO B 528 0.74 2.24 9.64
CA PRO B 528 -0.33 2.56 10.60
C PRO B 528 -1.35 1.42 10.67
N LEU B 529 -1.89 1.18 11.85
CA LEU B 529 -2.92 0.18 12.02
C LEU B 529 -4.26 0.79 11.70
N PRO B 530 -5.33 -0.04 11.45
CA PRO B 530 -6.66 0.56 11.14
C PRO B 530 -7.13 1.48 12.26
N THR B 531 -7.75 2.61 11.87
CA THR B 531 -8.06 3.66 12.82
C THR B 531 -8.92 3.16 13.95
N GLY B 532 -9.69 2.09 13.74
CA GLY B 532 -10.50 1.65 14.87
C GLY B 532 -9.83 0.75 15.91
N LEU B 533 -8.68 0.22 15.57
CA LEU B 533 -8.13 -0.73 16.53
C LEU B 533 -6.71 -0.33 16.81
N GLN B 534 -6.60 0.98 17.03
CA GLN B 534 -5.32 1.67 17.10
C GLN B 534 -4.64 1.20 18.37
N LYS B 535 -5.37 0.49 19.22
CA LYS B 535 -4.70 -0.24 20.25
C LYS B 535 -4.20 -1.65 19.81
N LYS B 536 -2.89 -1.73 19.60
CA LYS B 536 -2.11 -2.91 20.00
C LYS B 536 -1.02 -2.46 21.01
N ARG B 537 -1.04 -2.98 22.25
CA ARG B 537 0.17 -2.93 23.14
C ARG B 537 0.46 -4.28 23.80
N GLN B 538 1.66 -4.82 23.59
CA GLN B 538 2.18 -6.06 24.27
C GLN B 538 1.23 -6.82 25.25
N ASN B 542 5.24 -12.19 24.51
CA ASN B 542 6.13 -12.62 23.40
C ASN B 542 5.63 -12.04 22.09
N ARG B 543 6.47 -11.25 21.42
CA ARG B 543 6.15 -10.76 20.09
C ARG B 543 6.22 -11.84 19.00
N VAL B 544 5.45 -11.66 17.94
CA VAL B 544 5.57 -12.56 16.78
C VAL B 544 6.22 -11.87 15.61
N THR B 545 7.35 -12.41 15.13
CA THR B 545 8.05 -11.85 14.02
C THR B 545 7.93 -12.78 12.85
N LEU B 546 7.61 -12.20 11.69
CA LEU B 546 7.66 -12.94 10.45
C LEU B 546 9.01 -12.62 9.85
N ILE B 547 9.79 -13.65 9.55
CA ILE B 547 11.07 -13.46 8.95
C ILE B 547 11.09 -14.05 7.54
N PHE B 548 11.46 -13.23 6.55
CA PHE B 548 11.30 -13.61 5.15
C PHE B 548 12.64 -13.63 4.46
N PHE B 549 13.08 -14.83 4.09
CA PHE B 549 14.37 -14.99 3.42
C PHE B 549 14.17 -14.80 1.92
N LEU B 550 14.83 -13.82 1.35
CA LEU B 550 14.69 -13.54 -0.09
C LEU B 550 15.87 -14.16 -0.80
N GLY B 551 15.66 -15.30 -1.43
CA GLY B 551 16.68 -16.00 -2.14
C GLY B 551 16.98 -17.39 -1.58
N GLY B 552 16.19 -17.83 -0.58
CA GLY B 552 16.29 -19.24 -0.08
C GLY B 552 16.61 -19.36 1.41
N VAL B 553 16.19 -20.46 2.03
CA VAL B 553 16.51 -20.76 3.42
C VAL B 553 16.76 -22.27 3.57
N THR B 554 17.57 -22.65 4.55
CA THR B 554 17.90 -24.06 4.81
C THR B 554 17.15 -24.53 6.02
N PHE B 555 16.91 -25.83 6.08
CA PHE B 555 16.24 -26.41 7.24
C PHE B 555 17.03 -26.23 8.56
N ALA B 556 18.34 -26.18 8.48
CA ALA B 556 19.14 -25.82 9.65
C ALA B 556 18.90 -24.41 10.18
N GLU B 557 18.78 -23.45 9.26
CA GLU B 557 18.40 -22.10 9.64
C GLU B 557 16.99 -22.06 10.27
N ILE B 558 16.09 -22.85 9.72
CA ILE B 558 14.75 -22.95 10.28
C ILE B 558 14.85 -23.50 11.70
N ALA B 559 15.65 -24.53 11.92
CA ALA B 559 15.75 -25.14 13.27
C ALA B 559 16.30 -24.17 14.31
N ALA B 560 17.30 -23.42 13.92
CA ALA B 560 17.84 -22.40 14.78
C ALA B 560 16.82 -21.34 15.19
N LEU B 561 15.95 -20.95 14.24
CA LEU B 561 14.88 -19.98 14.54
C LEU B 561 13.88 -20.58 15.46
N ARG B 562 13.60 -21.89 15.30
CA ARG B 562 12.69 -22.55 16.26
C ARG B 562 13.32 -22.59 17.65
N PHE B 563 14.62 -22.74 17.65
CA PHE B 563 15.33 -22.79 18.91
C PHE B 563 15.20 -21.42 19.63
N LEU B 564 15.42 -20.31 18.93
CA LEU B 564 15.18 -19.01 19.56
C LEU B 564 13.74 -18.84 19.98
N SER B 565 12.82 -19.33 19.14
CA SER B 565 11.39 -19.17 19.41
C SER B 565 11.01 -19.82 20.71
N GLN B 566 11.68 -20.89 21.10
CA GLN B 566 11.27 -21.63 22.29
C GLN B 566 12.05 -21.25 23.53
N LEU B 567 13.04 -20.37 23.47
CA LEU B 567 13.54 -19.80 24.73
C LEU B 567 12.42 -18.97 25.32
N GLU B 568 12.02 -19.22 26.56
CA GLU B 568 10.96 -18.38 27.19
C GLU B 568 11.69 -17.31 28.00
N ASP B 569 12.55 -16.58 27.30
CA ASP B 569 13.37 -15.52 27.85
C ASP B 569 12.75 -14.15 27.55
N GLY B 570 11.42 -14.09 27.38
CA GLY B 570 10.72 -12.87 26.90
C GLY B 570 11.07 -12.32 25.49
N GLY B 571 11.66 -13.13 24.57
CA GLY B 571 12.03 -12.63 23.24
C GLY B 571 10.85 -12.71 22.26
N THR B 572 11.09 -13.36 21.15
CA THR B 572 10.24 -13.36 20.01
C THR B 572 10.05 -14.75 19.54
N GLU B 573 8.94 -15.00 18.88
CA GLU B 573 8.66 -16.22 18.19
C GLU B 573 8.65 -15.95 16.70
N TYR B 574 9.14 -16.90 15.94
CA TYR B 574 9.31 -16.73 14.55
C TYR B 574 8.32 -17.57 13.76
N VAL B 575 7.77 -16.98 12.68
CA VAL B 575 7.15 -17.68 11.60
C VAL B 575 8.05 -17.40 10.40
N ILE B 576 8.41 -18.42 9.65
CA ILE B 576 9.37 -18.30 8.59
C ILE B 576 8.74 -18.30 7.20
N ALA B 577 9.16 -17.36 6.36
CA ALA B 577 8.80 -17.34 4.94
C ALA B 577 10.03 -17.29 4.12
N THR B 578 9.91 -17.75 2.87
CA THR B 578 11.05 -17.80 1.96
C THR B 578 10.61 -17.87 0.50
N THR B 579 11.51 -17.47 -0.39
CA THR B 579 11.29 -17.63 -1.81
C THR B 579 11.44 -19.08 -2.20
N LYS B 580 12.25 -19.78 -1.42
CA LYS B 580 12.54 -21.18 -1.71
C LYS B 580 13.11 -21.94 -0.53
N LEU B 581 12.70 -23.17 -0.37
CA LEU B 581 13.36 -24.06 0.59
C LEU B 581 14.46 -24.71 -0.13
N MET B 582 15.71 -24.49 0.28
CA MET B 582 16.81 -25.17 -0.39
C MET B 582 17.93 -25.62 0.49
N ASN B 583 18.89 -26.29 -0.17
CA ASN B 583 20.20 -26.57 0.43
C ASN B 583 21.28 -26.13 -0.56
N GLY B 584 22.52 -26.27 -0.16
CA GLY B 584 23.63 -25.87 -0.98
C GLY B 584 23.71 -26.57 -2.30
N THR B 585 23.32 -27.85 -2.33
CA THR B 585 23.30 -28.62 -3.57
C THR B 585 22.26 -28.13 -4.54
N SER B 586 21.05 -27.90 -4.11
CA SER B 586 20.03 -27.48 -5.08
C SER B 586 20.16 -26.00 -5.45
N TRP B 587 20.74 -25.20 -4.52
CA TRP B 587 21.09 -23.79 -4.77
C TRP B 587 22.05 -23.69 -5.91
N ILE B 588 23.14 -24.44 -5.87
CA ILE B 588 24.13 -24.36 -6.92
C ILE B 588 23.60 -25.00 -8.20
N GLU B 589 22.82 -26.08 -8.13
CA GLU B 589 22.24 -26.61 -9.38
C GLU B 589 21.47 -25.55 -10.07
N ALA B 590 20.70 -24.77 -9.30
CA ALA B 590 19.87 -23.71 -9.90
C ALA B 590 20.74 -22.61 -10.48
N LEU B 591 21.98 -22.46 -10.06
CA LEU B 591 22.91 -21.54 -10.74
C LEU B 591 23.63 -22.08 -11.98
N MET B 592 23.47 -23.35 -12.31
CA MET B 592 24.04 -23.84 -13.55
C MET B 592 23.13 -23.51 -14.73
N GLU B 593 23.63 -23.70 -15.95
CA GLU B 593 22.83 -23.50 -17.19
C GLU B 593 22.45 -24.87 -17.80
N LYS B 594 21.33 -24.88 -18.54
CA LYS B 594 20.83 -26.05 -19.31
C LYS B 594 21.66 -26.29 -20.61
N PRO B 595 22.62 -27.26 -20.61
CA PRO B 595 23.64 -27.37 -21.70
C PRO B 595 23.08 -27.83 -23.07
N PHE B 596 23.70 -27.43 -24.19
CA PHE B 596 23.15 -27.68 -25.56
C PHE B 596 24.01 -28.61 -26.46
N HIS B 597 23.53 -28.87 -27.70
CA HIS B 597 24.14 -29.80 -28.66
C HIS B 597 24.39 -31.17 -28.00
N GLU C 5 -27.29 -19.91 3.17
CA GLU C 5 -25.82 -20.03 3.10
C GLU C 5 -25.14 -18.73 2.62
N ARG C 6 -25.82 -17.92 1.81
CA ARG C 6 -25.19 -16.75 1.14
C ARG C 6 -24.57 -15.67 2.08
N ILE C 7 -25.04 -15.57 3.32
CA ILE C 7 -24.46 -14.60 4.27
C ILE C 7 -23.53 -15.15 5.36
N GLU C 8 -23.33 -16.46 5.41
CA GLU C 8 -22.36 -17.01 6.35
C GLU C 8 -20.99 -16.35 6.25
N GLY C 9 -20.50 -16.10 5.04
CA GLY C 9 -19.18 -15.51 4.85
C GLY C 9 -19.12 -14.09 5.37
N ARG C 10 -20.13 -13.31 5.07
CA ARG C 10 -20.15 -11.94 5.54
C ARG C 10 -20.28 -11.90 7.05
N VAL C 11 -21.03 -12.84 7.62
CA VAL C 11 -21.19 -12.95 9.07
C VAL C 11 -19.90 -13.36 9.77
N ALA C 12 -19.16 -14.29 9.21
CA ALA C 12 -17.85 -14.62 9.74
C ALA C 12 -16.89 -13.45 9.73
N ALA C 13 -16.93 -12.58 8.71
CA ALA C 13 -15.99 -11.45 8.67
C ALA C 13 -16.33 -10.49 9.79
N LEU C 14 -17.63 -10.23 9.95
CA LEU C 14 -18.06 -9.37 11.00
C LEU C 14 -17.70 -9.90 12.39
N GLN C 15 -17.82 -11.19 12.59
CA GLN C 15 -17.35 -11.80 13.82
C GLN C 15 -15.88 -11.54 14.06
N THR C 16 -15.08 -11.79 13.03
CA THR C 16 -13.65 -11.57 13.15
C THR C 16 -13.44 -10.13 13.55
N ALA C 17 -14.24 -9.21 13.02
CA ALA C 17 -14.11 -7.82 13.35
C ALA C 17 -14.55 -7.45 14.82
N ALA C 18 -15.72 -7.94 15.26
CA ALA C 18 -16.11 -7.83 16.68
C ALA C 18 -14.94 -8.26 17.57
N ASP C 19 -14.38 -9.43 17.33
CA ASP C 19 -13.28 -9.95 18.16
C ASP C 19 -12.13 -8.98 18.17
N ALA C 20 -11.84 -8.43 17.01
CA ALA C 20 -10.81 -7.44 16.90
C ALA C 20 -11.13 -6.21 17.75
N PHE C 21 -12.33 -5.67 17.65
CA PHE C 21 -12.59 -4.45 18.40
C PHE C 21 -12.57 -4.70 19.91
N TYR C 22 -13.00 -5.86 20.39
CA TYR C 22 -12.81 -6.28 21.80
C TYR C 22 -11.33 -6.36 22.22
N LYS C 23 -10.49 -7.06 21.46
CA LYS C 23 -9.07 -7.09 21.86
C LYS C 23 -8.60 -5.65 21.94
N ALA C 24 -9.10 -4.79 21.06
CA ALA C 24 -8.64 -3.40 21.00
C ALA C 24 -9.22 -2.47 22.06
N LYS C 25 -10.17 -2.96 22.88
CA LYS C 25 -10.87 -2.19 23.94
C LYS C 25 -11.73 -1.14 23.29
N ASN C 26 -12.25 -1.41 22.13
CA ASN C 26 -13.12 -0.44 21.50
C ASN C 26 -14.54 -1.00 21.62
N GLU C 27 -15.14 -0.72 22.78
CA GLU C 27 -16.39 -1.33 23.10
C GLU C 27 -17.51 -0.94 22.14
N PHE C 28 -17.61 0.35 21.82
CA PHE C 28 -18.67 0.81 20.91
C PHE C 28 -18.63 0.08 19.60
N ALA C 29 -17.44 -0.03 19.03
CA ALA C 29 -17.28 -0.72 17.75
C ALA C 29 -17.73 -2.20 17.78
N ALA C 30 -17.27 -2.92 18.80
CA ALA C 30 -17.69 -4.32 18.98
C ALA C 30 -19.23 -4.46 18.99
N LYS C 31 -19.90 -3.59 19.76
CA LYS C 31 -21.35 -3.74 19.89
C LYS C 31 -22.04 -3.43 18.59
N ALA C 32 -21.59 -2.37 17.93
CA ALA C 32 -22.11 -1.99 16.66
C ALA C 32 -21.97 -3.10 15.63
N THR C 33 -20.85 -3.80 15.68
CA THR C 33 -20.58 -4.89 14.76
C THR C 33 -21.52 -6.05 15.11
N GLU C 34 -21.66 -6.36 16.40
CA GLU C 34 -22.76 -7.27 16.85
C GLU C 34 -24.19 -6.88 16.34
N ASP C 35 -24.60 -5.64 16.48
CA ASP C 35 -25.87 -5.19 15.88
C ASP C 35 -26.00 -5.37 14.35
N GLN C 36 -24.89 -5.13 13.61
CA GLN C 36 -24.92 -5.30 12.19
C GLN C 36 -25.07 -6.78 11.85
N MET C 37 -24.46 -7.64 12.64
CA MET C 37 -24.62 -9.07 12.39
C MET C 37 -26.09 -9.47 12.61
N ARG C 38 -26.67 -8.93 13.65
CA ARG C 38 -28.05 -9.25 13.99
C ARG C 38 -28.94 -8.73 12.89
N LEU C 39 -28.62 -7.60 12.32
CA LEU C 39 -29.46 -7.03 11.32
C LEU C 39 -29.33 -7.73 9.98
N LEU C 40 -28.12 -8.08 9.58
CA LEU C 40 -27.99 -8.89 8.40
C LEU C 40 -28.74 -10.22 8.50
N ARG C 41 -28.74 -10.83 9.67
CA ARG C 41 -29.45 -12.11 9.82
C ARG C 41 -30.97 -11.90 9.64
N LEU C 42 -31.48 -10.82 10.20
CA LEU C 42 -32.87 -10.49 10.04
C LEU C 42 -33.16 -10.16 8.60
N GLN C 43 -32.27 -9.45 7.96
CA GLN C 43 -32.51 -9.12 6.59
C GLN C 43 -32.65 -10.36 5.70
N ARG C 44 -31.90 -11.40 5.98
CA ARG C 44 -32.02 -12.63 5.17
C ARG C 44 -33.36 -13.34 5.43
N ARG C 45 -33.81 -13.47 6.68
CA ARG C 45 -35.18 -13.95 6.92
C ARG C 45 -36.19 -13.22 6.02
N LEU C 46 -36.12 -11.88 5.99
CA LEU C 46 -37.09 -11.07 5.28
C LEU C 46 -37.10 -11.36 3.78
N GLU C 47 -35.92 -11.57 3.17
CA GLU C 47 -35.85 -12.01 1.77
C GLU C 47 -36.49 -13.37 1.61
N ASP C 48 -36.23 -14.23 2.59
CA ASP C 48 -36.76 -15.60 2.62
C ASP C 48 -38.28 -15.60 2.78
N GLU C 49 -38.79 -14.79 3.72
CA GLU C 49 -40.22 -14.75 4.03
C GLU C 49 -41.05 -13.87 3.07
N LEU C 50 -40.46 -12.91 2.38
CA LEU C 50 -41.24 -11.95 1.58
C LEU C 50 -40.72 -11.73 0.17
N GLY C 51 -39.51 -12.21 -0.13
CA GLY C 51 -38.86 -11.90 -1.39
C GLY C 51 -38.56 -10.41 -1.57
N GLY C 52 -37.89 -10.08 -2.67
CA GLY C 52 -37.33 -8.75 -2.87
C GLY C 52 -35.98 -8.71 -2.18
N GLN C 53 -35.32 -7.54 -2.16
CA GLN C 53 -33.98 -7.44 -1.58
C GLN C 53 -33.96 -6.62 -0.31
N PHE C 54 -33.29 -7.12 0.71
CA PHE C 54 -33.17 -6.38 1.95
C PHE C 54 -31.73 -6.36 2.48
N LEU C 55 -30.90 -7.30 2.04
CA LEU C 55 -29.53 -7.33 2.50
C LEU C 55 -28.81 -6.01 2.25
N ASP C 56 -28.13 -5.56 3.30
CA ASP C 56 -27.16 -4.48 3.17
C ASP C 56 -27.74 -3.08 3.36
N LEU C 57 -29.06 -3.00 3.45
CA LEU C 57 -29.69 -1.78 3.80
C LEU C 57 -29.33 -1.40 5.23
N SER C 58 -29.28 -0.09 5.44
CA SER C 58 -29.22 0.41 6.79
C SER C 58 -30.51 0.04 7.53
N LEU C 59 -30.45 0.12 8.84
CA LEU C 59 -31.64 -0.15 9.63
C LEU C 59 -32.81 0.78 9.24
N HIS C 60 -32.53 2.03 9.06
CA HIS C 60 -33.56 3.00 8.70
C HIS C 60 -34.12 2.67 7.34
N ASP C 61 -33.25 2.32 6.42
CA ASP C 61 -33.74 1.96 5.09
C ASP C 61 -34.58 0.65 5.10
N THR C 62 -34.34 -0.22 6.09
CA THR C 62 -35.04 -1.49 6.16
C THR C 62 -36.45 -1.28 6.66
N VAL C 63 -36.55 -0.46 7.68
CA VAL C 63 -37.84 -0.10 8.24
C VAL C 63 -38.66 0.61 7.15
N THR C 64 -38.03 1.59 6.49
CA THR C 64 -38.69 2.40 5.46
C THR C 64 -39.23 1.46 4.37
N THR C 65 -38.39 0.55 3.90
CA THR C 65 -38.86 -0.35 2.85
C THR C 65 -40.03 -1.20 3.30
N LEU C 66 -39.99 -1.62 4.54
CA LEU C 66 -41.06 -2.45 5.05
C LEU C 66 -42.38 -1.71 5.12
N ILE C 67 -42.33 -0.48 5.56
CA ILE C 67 -43.50 0.41 5.61
C ILE C 67 -44.07 0.56 4.23
N LEU C 68 -43.21 0.88 3.30
CA LEU C 68 -43.59 1.06 1.89
C LEU C 68 -44.18 -0.20 1.22
N GLY C 69 -43.76 -1.38 1.63
CA GLY C 69 -44.31 -2.61 1.07
C GLY C 69 -45.58 -3.08 1.77
N GLY C 70 -46.08 -2.32 2.76
CA GLY C 70 -47.22 -2.72 3.56
C GLY C 70 -46.98 -3.64 4.76
N HIS C 71 -45.73 -3.81 5.18
CA HIS C 71 -45.39 -4.69 6.27
C HIS C 71 -45.09 -3.88 7.55
N ASN C 72 -46.15 -3.24 8.05
CA ASN C 72 -46.11 -2.28 9.16
C ASN C 72 -45.93 -2.89 10.50
N LYS C 73 -46.60 -4.02 10.77
CA LYS C 73 -46.23 -4.83 11.94
C LYS C 73 -44.73 -5.24 11.99
N ARG C 74 -44.17 -5.82 10.95
CA ARG C 74 -42.72 -6.15 10.95
C ARG C 74 -41.82 -4.95 11.15
N ALA C 75 -42.19 -3.83 10.55
CA ALA C 75 -41.40 -2.60 10.68
C ALA C 75 -41.35 -2.02 12.09
N GLU C 76 -42.49 -1.98 12.74
CA GLU C 76 -42.57 -1.56 14.14
C GLU C 76 -41.73 -2.46 15.06
N GLN C 77 -41.92 -3.76 14.89
CA GLN C 77 -41.16 -4.73 15.64
C GLN C 77 -39.68 -4.54 15.41
N LEU C 78 -39.31 -4.27 14.15
CA LEU C 78 -37.92 -4.10 13.82
C LEU C 78 -37.36 -2.88 14.56
N ALA C 79 -38.13 -1.80 14.62
CA ALA C 79 -37.72 -0.58 15.33
C ALA C 79 -37.59 -0.78 16.81
N ARG C 80 -38.57 -1.46 17.42
CA ARG C 80 -38.41 -1.83 18.84
C ARG C 80 -37.18 -2.65 19.13
N ASP C 81 -36.92 -3.65 18.31
CA ASP C 81 -35.74 -4.49 18.53
C ASP C 81 -34.44 -3.66 18.60
N PHE C 82 -34.30 -2.61 17.82
CA PHE C 82 -33.09 -1.81 17.93
C PHE C 82 -33.27 -0.51 18.71
N ARG C 83 -34.30 -0.44 19.53
CA ARG C 83 -34.55 0.68 20.44
C ARG C 83 -34.50 2.06 19.77
N ILE C 84 -34.89 2.16 18.51
CA ILE C 84 -35.08 3.47 17.87
C ILE C 84 -36.03 4.41 18.67
N PRO C 85 -35.54 5.54 19.17
CA PRO C 85 -36.48 6.38 19.96
C PRO C 85 -37.67 6.96 19.18
N ASP C 86 -38.72 7.28 19.87
CA ASP C 86 -40.00 7.77 19.29
C ASP C 86 -39.87 8.90 18.25
N LYS C 87 -39.05 9.88 18.57
CA LYS C 87 -38.88 11.04 17.71
C LYS C 87 -38.27 10.69 16.37
N ARG C 88 -37.27 9.82 16.41
CA ARG C 88 -36.57 9.41 15.19
C ARG C 88 -37.48 8.53 14.32
N LEU C 89 -38.23 7.62 14.93
CA LEU C 89 -39.20 6.81 14.16
C LEU C 89 -40.28 7.63 13.50
N TRP C 90 -40.69 8.69 14.17
CA TRP C 90 -41.81 9.55 13.66
C TRP C 90 -41.32 10.24 12.41
N TRP C 91 -40.12 10.83 12.49
CA TRP C 91 -39.49 11.46 11.32
C TRP C 91 -39.27 10.51 10.17
N LEU C 92 -38.84 9.31 10.49
CA LEU C 92 -38.70 8.25 9.49
C LEU C 92 -39.99 7.93 8.73
N LYS C 93 -41.06 7.64 9.46
CA LYS C 93 -42.37 7.48 8.86
C LYS C 93 -42.80 8.65 8.03
N LEU C 94 -42.52 9.84 8.51
CA LEU C 94 -43.04 11.02 7.82
C LEU C 94 -42.30 11.23 6.51
N THR C 95 -40.98 11.07 6.51
CA THR C 95 -40.22 11.15 5.25
C THR C 95 -40.47 9.96 4.31
N ALA C 96 -40.69 8.77 4.80
CA ALA C 96 -41.17 7.69 3.95
C ALA C 96 -42.43 8.04 3.18
N LEU C 97 -43.44 8.61 3.85
CA LEU C 97 -44.76 8.78 3.22
C LEU C 97 -45.04 10.06 2.48
N ALA C 98 -44.12 10.99 2.41
CA ALA C 98 -44.42 12.34 1.91
C ALA C 98 -44.07 12.57 0.40
N ASP C 99 -44.80 13.48 -0.27
CA ASP C 99 -44.49 13.94 -1.68
C ASP C 99 -43.39 14.99 -1.69
#